data_5KC9
#
_entry.id   5KC9
#
_cell.length_a   128.420
_cell.length_b   128.420
_cell.length_c   153.230
_cell.angle_alpha   90.00
_cell.angle_beta   90.00
_cell.angle_gamma   120.00
#
_symmetry.space_group_name_H-M   'P 32 2 1'
#
loop_
_entity.id
_entity.type
_entity.pdbx_description
1 polymer 'Glutamate receptor ionotropic, delta-1'
2 non-polymer 1,2-ETHANEDIOL
3 non-polymer 'CHLORIDE ION'
4 non-polymer 1,4-BUTANEDIOL
5 non-polymer 2-acetamido-2-deoxy-beta-D-glucopyranose
6 non-polymer 'TETRAETHYLENE GLYCOL'
7 water water
#
_entity_poly.entity_id   1
_entity_poly.type   'polypeptide(L)'
_entity_poly.pdbx_seq_one_letter_code
;ETGDSIIHIGAIFEENAAKDDRVFQLAVSDLSLNDDILQSEKITYSIKVIEANNPFQAVQEACDLMTQGILALVTSTGCA
SANALQSLTDAMHIPHLFVQRNPGGSPRTACHLNPSPDGEAYTLASRPPVRLNDVMLRLVTELRWQKFVMFYDSEYDIRG
LQSFLDQASRLGLDVSLQKVDKNISHVFTSLFTTMKTEELNRYRDTLRRAILLLSPQGAHSFINEAVETNLASKDSHWVF
VNEEISDPEILDLVHSALGRMTVVRQIFPSAKDNQKCMRNNHRISSLLCDPQEGYLQMLQISNLYLYDSVLMLANAFHRK
LEDRKWHSMASLNCIRKSTKPWNGGRSMLDTIKKGHITGLTGVMEFREDSSNPYVQFEILGTTYSETFGKDMRKLATWDS
EKGLNGSLQERPMGSRLQGGTKHHHHHH
;
_entity_poly.pdbx_strand_id   A,B,C
#
loop_
_chem_comp.id
_chem_comp.type
_chem_comp.name
_chem_comp.formula
BU1 non-polymer 1,4-BUTANEDIOL 'C4 H10 O2'
CL non-polymer 'CHLORIDE ION' 'Cl -1'
EDO non-polymer 1,2-ETHANEDIOL 'C2 H6 O2'
NAG D-saccharide, beta linking 2-acetamido-2-deoxy-beta-D-glucopyranose 'C8 H15 N O6'
PG4 non-polymer 'TETRAETHYLENE GLYCOL' 'C8 H18 O5'
#
# COMPACT_ATOMS: atom_id res chain seq x y z
N SER A 5 -22.97 42.45 -17.01
CA SER A 5 -22.85 41.01 -17.15
C SER A 5 -22.35 40.37 -15.86
N ILE A 6 -22.02 39.08 -15.92
CA ILE A 6 -21.52 38.35 -14.77
C ILE A 6 -20.22 37.59 -15.01
N ILE A 7 -19.43 37.55 -13.94
CA ILE A 7 -18.25 36.72 -13.82
C ILE A 7 -18.69 35.34 -13.35
N HIS A 8 -18.55 34.32 -14.20
CA HIS A 8 -18.89 32.95 -13.82
C HIS A 8 -17.63 32.09 -13.87
N ILE A 9 -17.37 31.39 -12.78
CA ILE A 9 -16.23 30.48 -12.72
C ILE A 9 -16.65 29.07 -12.28
N GLY A 10 -15.95 28.07 -12.80
CA GLY A 10 -16.24 26.69 -12.48
C GLY A 10 -15.25 26.13 -11.48
N ALA A 11 -15.70 25.18 -10.68
CA ALA A 11 -14.82 24.51 -9.73
C ALA A 11 -15.07 23.01 -9.70
N ILE A 12 -13.98 22.25 -9.63
CA ILE A 12 -14.04 20.80 -9.49
C ILE A 12 -13.20 20.34 -8.31
N PHE A 13 -13.85 19.63 -7.38
CA PHE A 13 -13.20 19.11 -6.18
C PHE A 13 -13.42 17.61 -6.02
N GLU A 14 -12.35 16.89 -5.67
CA GLU A 14 -12.46 15.48 -5.35
C GLU A 14 -13.02 15.30 -3.95
N GLU A 15 -13.70 14.18 -3.74
CA GLU A 15 -14.10 13.76 -2.40
C GLU A 15 -12.84 13.44 -1.58
N ASN A 16 -12.77 13.81 -0.30
CA ASN A 16 -13.78 14.58 0.41
C ASN A 16 -13.63 16.07 0.10
N ALA A 17 -14.72 16.68 -0.36
CA ALA A 17 -14.69 18.05 -0.88
C ALA A 17 -15.24 19.08 0.09
N ALA A 18 -15.55 18.66 1.32
CA ALA A 18 -16.27 19.52 2.25
C ALA A 18 -15.50 20.80 2.56
N LYS A 19 -14.23 20.66 2.94
CA LYS A 19 -13.43 21.83 3.27
C LYS A 19 -13.19 22.73 2.06
N ASP A 20 -12.91 22.12 0.90
CA ASP A 20 -12.73 22.91 -0.32
C ASP A 20 -13.98 23.66 -0.68
N ASP A 21 -15.11 22.95 -0.64
CA ASP A 21 -16.41 23.53 -0.92
C ASP A 21 -16.63 24.74 -0.02
N ARG A 22 -16.34 24.58 1.28
CA ARG A 22 -16.56 25.66 2.23
C ARG A 22 -15.63 26.84 1.96
N VAL A 23 -14.34 26.56 1.82
CA VAL A 23 -13.33 27.61 1.65
C VAL A 23 -13.51 28.39 0.35
N PHE A 24 -13.82 27.69 -0.73
CA PHE A 24 -14.03 28.35 -2.02
C PHE A 24 -15.21 29.33 -1.93
N GLN A 25 -16.30 28.90 -1.28
CA GLN A 25 -17.47 29.76 -1.14
C GLN A 25 -17.21 30.91 -0.18
N LEU A 26 -16.34 30.69 0.80
CA LEU A 26 -15.93 31.77 1.69
C LEU A 26 -15.15 32.83 0.93
N ALA A 27 -14.27 32.38 0.03
CA ALA A 27 -13.48 33.30 -0.78
C ALA A 27 -14.36 34.18 -1.64
N VAL A 28 -15.28 33.56 -2.39
CA VAL A 28 -16.19 34.31 -3.25
C VAL A 28 -17.06 35.24 -2.42
N SER A 29 -17.51 34.75 -1.26
CA SER A 29 -18.33 35.54 -0.36
C SER A 29 -17.56 36.75 0.15
N ASP A 30 -16.31 36.53 0.56
CA ASP A 30 -15.46 37.62 1.04
C ASP A 30 -15.27 38.71 -0.01
N LEU A 31 -15.17 38.30 -1.27
CA LEU A 31 -15.00 39.28 -2.34
C LEU A 31 -16.25 40.14 -2.54
N SER A 32 -17.42 39.52 -2.61
CA SER A 32 -18.63 40.27 -2.93
C SER A 32 -19.01 41.24 -1.81
N LEU A 33 -18.53 40.99 -0.60
CA LEU A 33 -18.77 41.89 0.51
C LEU A 33 -17.74 43.02 0.66
N ASN A 34 -16.48 42.72 0.34
CA ASN A 34 -15.39 43.66 0.56
C ASN A 34 -14.71 44.25 -0.68
N ASP A 35 -14.70 43.50 -1.77
CA ASP A 35 -14.03 43.96 -2.97
C ASP A 35 -14.69 45.24 -3.49
N ASP A 36 -14.05 46.37 -3.24
CA ASP A 36 -14.60 47.67 -3.61
C ASP A 36 -14.60 47.85 -5.12
N ILE A 37 -13.80 47.05 -5.82
CA ILE A 37 -13.65 47.17 -7.26
C ILE A 37 -14.65 46.28 -7.99
N LEU A 38 -14.79 45.04 -7.53
CA LEU A 38 -15.80 44.13 -8.06
C LEU A 38 -17.16 44.44 -7.46
N GLN A 39 -17.21 45.54 -6.69
CA GLN A 39 -18.48 46.11 -6.28
C GLN A 39 -19.24 46.51 -7.52
N SER A 40 -20.53 46.19 -7.54
CA SER A 40 -21.42 46.38 -8.71
C SER A 40 -21.21 45.27 -9.75
N GLU A 41 -20.14 44.50 -9.58
CA GLU A 41 -19.92 43.31 -10.41
C GLU A 41 -20.46 42.11 -9.67
N LYS A 42 -21.15 41.26 -10.39
CA LYS A 42 -21.76 40.09 -9.80
C LYS A 42 -20.68 39.02 -9.90
N ILE A 43 -20.68 38.05 -8.98
CA ILE A 43 -19.80 36.88 -9.09
C ILE A 43 -20.59 35.61 -8.78
N THR A 44 -20.67 34.74 -9.77
CA THR A 44 -21.28 33.43 -9.62
C THR A 44 -20.30 32.29 -9.90
N TYR A 45 -20.68 31.08 -9.50
CA TYR A 45 -19.84 29.90 -9.67
C TYR A 45 -20.68 28.63 -9.66
N SER A 46 -20.11 27.56 -10.19
CA SER A 46 -20.69 26.22 -10.07
C SER A 46 -19.63 25.27 -9.57
N ILE A 47 -19.94 24.57 -8.48
CA ILE A 47 -19.01 23.62 -7.88
C ILE A 47 -19.44 22.22 -8.24
N LYS A 48 -18.49 21.45 -8.78
CA LYS A 48 -18.70 20.05 -9.08
C LYS A 48 -17.85 19.20 -8.14
N VAL A 49 -18.44 18.13 -7.61
CA VAL A 49 -17.73 17.19 -6.77
C VAL A 49 -17.62 15.86 -7.50
N ILE A 50 -16.41 15.31 -7.53
CA ILE A 50 -16.16 14.05 -8.24
C ILE A 50 -15.49 13.04 -7.33
N GLU A 51 -15.58 11.77 -7.69
CA GLU A 51 -14.86 10.73 -6.97
C GLU A 51 -13.37 10.94 -7.15
N ALA A 52 -12.59 10.47 -6.20
CA ALA A 52 -11.14 10.52 -6.29
C ALA A 52 -10.67 9.53 -7.34
N ASN A 53 -9.56 9.85 -8.00
CA ASN A 53 -8.96 8.96 -8.99
C ASN A 53 -9.95 8.59 -10.10
N ASN A 54 -10.74 9.57 -10.51
CA ASN A 54 -11.72 9.38 -11.57
C ASN A 54 -11.60 10.46 -12.62
N PRO A 55 -10.59 10.35 -13.50
CA PRO A 55 -10.39 11.38 -14.51
C PRO A 55 -11.54 11.50 -15.52
N PHE A 56 -12.22 10.42 -15.85
CA PHE A 56 -13.36 10.53 -16.77
C PHE A 56 -14.48 11.38 -16.17
N GLN A 57 -14.78 11.16 -14.89
CA GLN A 57 -15.78 11.97 -14.23
C GLN A 57 -15.35 13.44 -14.23
N ALA A 58 -14.05 13.68 -14.04
CA ALA A 58 -13.51 15.04 -14.07
C ALA A 58 -13.75 15.69 -15.43
N VAL A 59 -13.60 14.92 -16.50
CA VAL A 59 -13.83 15.44 -17.85
C VAL A 59 -15.32 15.73 -18.08
N GLN A 60 -16.20 14.84 -17.60
CA GLN A 60 -17.65 15.04 -17.71
C GLN A 60 -18.07 16.35 -17.06
N GLU A 61 -17.61 16.57 -15.83
CA GLU A 61 -18.00 17.76 -15.08
C GLU A 61 -17.39 19.02 -15.65
N ALA A 62 -16.14 18.95 -16.10
CA ALA A 62 -15.50 20.12 -16.68
C ALA A 62 -16.23 20.52 -17.96
N CYS A 63 -16.60 19.54 -18.75
CA CYS A 63 -17.30 19.81 -20.01
C CYS A 63 -18.68 20.40 -19.77
N ASP A 64 -19.36 19.94 -18.72
CA ASP A 64 -20.63 20.53 -18.34
C ASP A 64 -20.42 21.99 -17.95
N LEU A 65 -19.34 22.26 -17.21
CA LEU A 65 -18.99 23.62 -16.81
C LEU A 65 -18.70 24.53 -18.01
N MET A 66 -18.23 23.94 -19.10
CA MET A 66 -17.89 24.74 -20.28
C MET A 66 -19.16 25.27 -20.97
N THR A 67 -20.26 24.55 -20.85
CA THR A 67 -21.55 25.01 -21.41
C THR A 67 -22.13 26.20 -20.64
N GLN A 68 -21.71 26.35 -19.39
CA GLN A 68 -22.19 27.42 -18.53
C GLN A 68 -21.47 28.73 -18.78
N GLY A 69 -20.45 28.68 -19.63
CA GLY A 69 -19.70 29.88 -19.94
C GLY A 69 -18.89 30.33 -18.74
N ILE A 70 -17.73 29.73 -18.52
CA ILE A 70 -16.89 30.09 -17.39
C ILE A 70 -15.65 30.81 -17.90
N LEU A 71 -15.12 31.71 -17.06
CA LEU A 71 -13.93 32.46 -17.40
C LEU A 71 -12.68 31.74 -16.94
N ALA A 72 -12.84 30.80 -16.02
CA ALA A 72 -11.72 30.07 -15.44
C ALA A 72 -12.23 28.84 -14.70
N LEU A 73 -11.34 27.86 -14.58
CA LEU A 73 -11.62 26.63 -13.85
C LEU A 73 -10.65 26.51 -12.69
N VAL A 74 -11.17 26.41 -11.48
CA VAL A 74 -10.36 26.20 -10.29
C VAL A 74 -10.57 24.75 -9.86
N THR A 75 -9.48 24.01 -9.69
CA THR A 75 -9.59 22.61 -9.31
C THR A 75 -8.69 22.22 -8.14
N SER A 76 -9.15 21.22 -7.41
CA SER A 76 -8.38 20.62 -6.34
C SER A 76 -8.56 19.11 -6.39
N THR A 77 -7.56 18.44 -6.93
CA THR A 77 -7.63 17.00 -7.20
C THR A 77 -6.26 16.37 -7.06
N GLY A 78 -6.21 15.05 -7.20
CA GLY A 78 -4.97 14.34 -7.34
C GLY A 78 -4.46 14.47 -8.77
N CYS A 79 -3.37 13.79 -9.09
CA CYS A 79 -2.67 13.98 -10.36
C CYS A 79 -3.35 13.28 -11.53
N ALA A 80 -4.05 12.19 -11.28
CA ALA A 80 -4.70 11.46 -12.37
C ALA A 80 -5.73 12.35 -13.07
N SER A 81 -6.55 13.04 -12.27
CA SER A 81 -7.56 13.95 -12.81
C SER A 81 -6.95 15.26 -13.27
N ALA A 82 -5.91 15.72 -12.58
CA ALA A 82 -5.22 16.94 -12.97
C ALA A 82 -4.70 16.82 -14.39
N ASN A 83 -4.13 15.66 -14.69
CA ASN A 83 -3.59 15.41 -16.02
C ASN A 83 -4.68 15.52 -17.07
N ALA A 84 -5.82 14.88 -16.81
CA ALA A 84 -6.93 14.89 -17.75
C ALA A 84 -7.49 16.30 -17.89
N LEU A 85 -7.62 17.00 -16.79
CA LEU A 85 -8.21 18.34 -16.80
C LEU A 85 -7.28 19.36 -17.45
N GLN A 86 -5.98 19.18 -17.26
CA GLN A 86 -4.98 20.01 -17.92
C GLN A 86 -5.08 19.86 -19.44
N SER A 87 -5.21 18.62 -19.90
CA SER A 87 -5.37 18.34 -21.31
C SER A 87 -6.64 18.98 -21.85
N LEU A 88 -7.72 18.90 -21.08
CA LEU A 88 -9.00 19.46 -21.49
C LEU A 88 -8.93 20.98 -21.58
N THR A 89 -8.38 21.62 -20.55
CA THR A 89 -8.35 23.09 -20.51
C THR A 89 -7.36 23.67 -21.52
N ASP A 90 -6.30 22.93 -21.86
CA ASP A 90 -5.41 23.33 -22.94
C ASP A 90 -6.19 23.45 -24.24
N ALA A 91 -6.98 22.43 -24.55
CA ALA A 91 -7.72 22.37 -25.80
C ALA A 91 -8.80 23.45 -25.89
N MET A 92 -9.39 23.81 -24.77
CA MET A 92 -10.51 24.75 -24.75
C MET A 92 -10.08 26.18 -24.44
N HIS A 93 -8.79 26.37 -24.16
CA HIS A 93 -8.25 27.67 -23.80
C HIS A 93 -8.98 28.24 -22.58
N ILE A 94 -9.14 27.40 -21.57
CA ILE A 94 -9.75 27.83 -20.31
C ILE A 94 -8.67 27.95 -19.24
N PRO A 95 -8.45 29.16 -18.69
CA PRO A 95 -7.50 29.30 -17.59
C PRO A 95 -7.79 28.32 -16.46
N HIS A 96 -6.76 27.64 -15.99
CA HIS A 96 -6.93 26.55 -15.05
C HIS A 96 -6.00 26.70 -13.86
N LEU A 97 -6.57 27.08 -12.72
CA LEU A 97 -5.82 27.18 -11.48
C LEU A 97 -5.95 25.85 -10.75
N PHE A 98 -4.84 25.12 -10.70
CA PHE A 98 -4.80 23.78 -10.14
C PHE A 98 -4.15 23.78 -8.76
N VAL A 99 -4.92 23.33 -7.76
CA VAL A 99 -4.46 23.20 -6.39
C VAL A 99 -4.28 21.72 -6.06
N GLN A 100 -3.05 21.26 -6.06
CA GLN A 100 -2.77 19.84 -5.88
C GLN A 100 -3.14 19.37 -4.48
N ARG A 101 -3.86 18.25 -4.41
CA ARG A 101 -4.26 17.66 -3.14
C ARG A 101 -3.09 16.96 -2.46
N ASN A 102 -3.14 16.94 -1.14
CA ASN A 102 -2.27 16.08 -0.34
C ASN A 102 -2.65 14.63 -0.64
N PRO A 103 -1.68 13.82 -1.11
CA PRO A 103 -2.03 12.44 -1.48
C PRO A 103 -2.13 11.49 -0.28
N GLY A 104 -3.28 11.50 0.40
CA GLY A 104 -3.51 10.64 1.54
C GLY A 104 -2.58 10.94 2.71
N GLY A 105 -2.06 12.16 2.76
CA GLY A 105 -1.15 12.57 3.81
C GLY A 105 0.32 12.41 3.43
N SER A 106 0.58 11.67 2.35
CA SER A 106 1.97 11.39 1.94
C SER A 106 2.67 12.63 1.41
N PRO A 107 4.01 12.61 1.40
CA PRO A 107 4.74 13.74 0.81
C PRO A 107 4.37 13.95 -0.64
N ARG A 108 4.26 15.21 -1.02
CA ARG A 108 3.82 15.58 -2.35
C ARG A 108 4.94 15.53 -3.39
N THR A 109 4.58 15.05 -4.58
CA THR A 109 5.40 15.17 -5.78
C THR A 109 4.53 15.85 -6.84
N ALA A 110 5.10 16.85 -7.53
CA ALA A 110 4.37 17.58 -8.56
C ALA A 110 3.83 16.62 -9.61
N CYS A 111 2.64 16.91 -10.11
CA CYS A 111 1.98 16.06 -11.09
C CYS A 111 2.72 16.08 -12.41
N HIS A 112 2.73 14.93 -13.08
CA HIS A 112 3.29 14.82 -14.41
C HIS A 112 2.25 15.27 -15.42
N LEU A 113 2.41 16.49 -15.94
CA LEU A 113 1.45 17.06 -16.86
C LEU A 113 1.87 16.81 -18.30
N ASN A 114 0.91 16.94 -19.22
CA ASN A 114 1.19 16.71 -20.63
C ASN A 114 1.86 17.94 -21.25
N PRO A 115 2.62 17.73 -22.33
CA PRO A 115 3.14 18.88 -23.08
C PRO A 115 2.02 19.76 -23.61
N SER A 116 2.21 21.07 -23.63
CA SER A 116 1.23 22.00 -24.19
C SER A 116 1.74 22.61 -25.48
N PRO A 117 0.83 22.94 -26.42
CA PRO A 117 1.25 23.71 -27.60
C PRO A 117 1.88 25.04 -27.20
N ASP A 118 2.86 25.51 -27.97
CA ASP A 118 3.60 26.72 -27.63
C ASP A 118 2.67 27.92 -27.44
N GLY A 119 2.74 28.53 -26.25
CA GLY A 119 1.95 29.71 -25.94
C GLY A 119 0.49 29.38 -25.67
N GLU A 120 0.20 28.10 -25.45
CA GLU A 120 -1.16 27.66 -25.17
C GLU A 120 -1.17 26.66 -24.00
N ALA A 121 -0.43 26.98 -22.95
CA ALA A 121 -0.43 26.20 -21.71
C ALA A 121 -1.31 26.89 -20.68
N TYR A 122 -2.47 26.32 -20.39
CA TYR A 122 -3.47 27.02 -19.60
C TYR A 122 -3.52 26.64 -18.12
N THR A 123 -2.72 25.67 -17.71
CA THR A 123 -2.72 25.23 -16.31
C THR A 123 -1.67 25.97 -15.48
N LEU A 124 -2.15 26.61 -14.42
CA LEU A 124 -1.30 27.27 -13.45
C LEU A 124 -1.40 26.52 -12.12
N ALA A 125 -0.27 25.97 -11.67
CA ALA A 125 -0.25 25.28 -10.40
C ALA A 125 -0.09 26.28 -9.28
N SER A 126 -1.06 26.32 -8.38
CA SER A 126 -1.08 27.31 -7.31
C SER A 126 -0.07 27.00 -6.21
N ARG A 127 0.12 25.73 -5.93
CA ARG A 127 1.11 25.34 -4.92
C ARG A 127 2.51 25.43 -5.52
N PRO A 128 3.48 25.91 -4.74
CA PRO A 128 4.83 26.05 -5.30
C PRO A 128 5.44 24.72 -5.65
N PRO A 129 6.48 24.73 -6.50
CA PRO A 129 7.20 23.47 -6.75
C PRO A 129 7.66 22.85 -5.45
N VAL A 130 7.77 21.54 -5.42
CA VAL A 130 8.24 20.86 -4.22
C VAL A 130 9.73 21.13 -4.07
N ARG A 131 10.11 21.80 -2.98
CA ARG A 131 11.50 22.17 -2.73
C ARG A 131 12.09 21.39 -1.55
N LEU A 132 11.43 20.29 -1.17
CA LEU A 132 11.92 19.50 -0.06
C LEU A 132 13.26 18.84 -0.36
N ASN A 133 13.54 18.60 -1.64
CA ASN A 133 14.83 18.03 -2.04
C ASN A 133 15.99 18.92 -1.61
N ASP A 134 15.83 20.23 -1.78
CA ASP A 134 16.86 21.20 -1.42
C ASP A 134 17.13 21.18 0.07
N VAL A 135 16.07 21.15 0.86
CA VAL A 135 16.21 21.14 2.32
C VAL A 135 16.83 19.83 2.79
N MET A 136 16.44 18.71 2.20
CA MET A 136 17.00 17.41 2.57
C MET A 136 18.51 17.37 2.26
N LEU A 137 18.91 17.96 1.13
CA LEU A 137 20.32 17.99 0.74
C LEU A 137 21.17 18.75 1.76
N ARG A 138 20.75 19.97 2.09
CA ARG A 138 21.45 20.77 3.07
C ARG A 138 21.54 20.02 4.40
N LEU A 139 20.47 19.31 4.73
CA LEU A 139 20.40 18.68 6.04
C LEU A 139 21.36 17.49 6.16
N VAL A 140 21.39 16.61 5.16
CA VAL A 140 22.25 15.42 5.22
C VAL A 140 23.73 15.82 5.11
N THR A 141 24.01 16.93 4.44
CA THR A 141 25.37 17.42 4.29
C THR A 141 25.85 18.07 5.59
N GLU A 142 25.00 18.85 6.23
CA GLU A 142 25.32 19.46 7.51
C GLU A 142 25.51 18.38 8.58
N LEU A 143 24.70 17.33 8.52
CA LEU A 143 24.80 16.24 9.48
C LEU A 143 25.95 15.30 9.12
N ARG A 144 26.59 15.56 7.98
CA ARG A 144 27.70 14.74 7.51
C ARG A 144 27.32 13.27 7.38
N TRP A 145 26.13 13.01 6.86
CA TRP A 145 25.70 11.64 6.57
C TRP A 145 26.35 11.18 5.27
N GLN A 146 26.94 9.99 5.30
CA GLN A 146 27.55 9.38 4.12
C GLN A 146 26.63 8.27 3.62
N LYS A 147 26.04 7.57 4.56
CA LYS A 147 25.13 6.46 4.29
C LYS A 147 23.83 6.70 5.03
N PHE A 148 22.70 6.50 4.36
CA PHE A 148 21.41 6.59 5.01
C PHE A 148 20.32 5.96 4.18
N VAL A 149 19.22 5.63 4.85
CA VAL A 149 18.06 5.04 4.22
C VAL A 149 17.00 6.10 4.02
N MET A 150 16.28 6.02 2.91
CA MET A 150 15.10 6.84 2.70
C MET A 150 13.90 5.92 2.61
N PHE A 151 13.05 5.97 3.63
CA PHE A 151 11.80 5.24 3.65
C PHE A 151 10.71 6.09 3.01
N TYR A 152 9.94 5.48 2.12
CA TYR A 152 8.79 6.16 1.52
C TYR A 152 7.62 5.19 1.52
N ASP A 153 6.41 5.71 1.63
CA ASP A 153 5.22 4.86 1.74
C ASP A 153 4.67 4.47 0.38
N SER A 154 3.54 3.75 0.38
CA SER A 154 3.00 3.14 -0.84
C SER A 154 2.37 4.15 -1.79
N GLU A 155 2.17 5.38 -1.34
CA GLU A 155 1.60 6.42 -2.18
C GLU A 155 2.64 7.42 -2.70
N TYR A 156 3.84 7.43 -2.12
CA TYR A 156 4.81 8.43 -2.53
C TYR A 156 5.33 8.14 -3.93
N ASP A 157 5.45 9.20 -4.73
CA ASP A 157 5.95 9.12 -6.09
C ASP A 157 7.44 9.50 -6.11
N ILE A 158 8.32 8.50 -6.20
CA ILE A 158 9.76 8.71 -6.03
C ILE A 158 10.41 9.49 -7.17
N ARG A 159 9.66 9.75 -8.23
CA ARG A 159 10.16 10.63 -9.29
C ARG A 159 10.45 12.02 -8.73
N GLY A 160 9.79 12.35 -7.61
CA GLY A 160 10.00 13.63 -6.96
C GLY A 160 11.40 13.76 -6.37
N LEU A 161 12.10 12.63 -6.25
CA LEU A 161 13.43 12.62 -5.65
C LEU A 161 14.56 12.85 -6.66
N GLN A 162 14.20 13.07 -7.93
CA GLN A 162 15.20 13.12 -9.00
C GLN A 162 16.41 14.00 -8.68
N SER A 163 16.17 15.27 -8.35
CA SER A 163 17.25 16.21 -8.14
C SER A 163 18.05 15.87 -6.88
N PHE A 164 17.39 15.28 -5.89
CA PHE A 164 18.08 14.87 -4.69
C PHE A 164 19.03 13.71 -4.99
N LEU A 165 18.57 12.74 -5.76
CA LEU A 165 19.37 11.57 -6.08
C LEU A 165 20.57 11.91 -6.96
N ASP A 166 20.37 12.80 -7.93
CA ASP A 166 21.46 13.21 -8.81
C ASP A 166 22.55 13.91 -8.01
N GLN A 167 22.14 14.87 -7.18
CA GLN A 167 23.09 15.62 -6.38
C GLN A 167 23.78 14.70 -5.35
N ALA A 168 23.01 13.78 -4.76
CA ALA A 168 23.56 12.83 -3.79
C ALA A 168 24.66 11.99 -4.44
N SER A 169 24.46 11.62 -5.70
CA SER A 169 25.45 10.84 -6.44
C SER A 169 26.74 11.62 -6.65
N ARG A 170 26.61 12.89 -7.02
CA ARG A 170 27.77 13.75 -7.24
C ARG A 170 28.58 13.91 -5.95
N LEU A 171 27.88 13.88 -4.81
CA LEU A 171 28.53 14.01 -3.52
C LEU A 171 29.07 12.67 -3.02
N GLY A 172 28.81 11.61 -3.77
CA GLY A 172 29.30 10.30 -3.41
C GLY A 172 28.58 9.67 -2.23
N LEU A 173 27.36 10.12 -1.95
CA LEU A 173 26.59 9.55 -0.85
C LEU A 173 25.99 8.21 -1.28
N ASP A 174 25.81 7.33 -0.30
CA ASP A 174 25.17 6.04 -0.55
C ASP A 174 23.76 6.05 0.03
N VAL A 175 22.79 6.16 -0.86
CA VAL A 175 21.39 6.31 -0.45
C VAL A 175 20.63 5.04 -0.74
N SER A 176 19.98 4.52 0.28
CA SER A 176 19.15 3.33 0.12
C SER A 176 17.66 3.70 0.17
N LEU A 177 16.97 3.48 -0.95
CA LEU A 177 15.54 3.72 -1.09
C LEU A 177 14.75 2.48 -0.77
N GLN A 178 13.91 2.57 0.26
CA GLN A 178 13.15 1.42 0.71
C GLN A 178 11.69 1.78 0.85
N LYS A 179 10.86 1.06 0.12
CA LYS A 179 9.43 1.25 0.19
C LYS A 179 8.90 0.59 1.44
N VAL A 180 8.03 1.29 2.16
CA VAL A 180 7.32 0.75 3.30
C VAL A 180 5.90 0.42 2.84
N ASP A 181 5.55 -0.86 2.85
CA ASP A 181 4.22 -1.29 2.42
C ASP A 181 3.16 -0.78 3.40
N LYS A 182 1.90 -0.83 2.97
CA LYS A 182 0.81 -0.25 3.74
C LYS A 182 0.61 -0.93 5.09
N ASN A 183 0.79 -2.25 5.16
CA ASN A 183 0.66 -2.93 6.44
C ASN A 183 1.99 -2.97 7.16
N ILE A 184 2.18 -2.05 8.11
CA ILE A 184 3.43 -1.91 8.84
C ILE A 184 3.78 -3.17 9.62
N SER A 185 2.76 -3.84 10.14
CA SER A 185 2.98 -5.06 10.90
C SER A 185 3.62 -6.15 10.05
N HIS A 186 3.22 -6.25 8.79
CA HIS A 186 3.78 -7.26 7.88
C HIS A 186 5.19 -6.88 7.42
N VAL A 187 5.43 -5.58 7.32
CA VAL A 187 6.74 -5.08 6.92
C VAL A 187 7.80 -5.60 7.90
N PHE A 188 7.58 -5.36 9.18
CA PHE A 188 8.55 -5.72 10.20
C PHE A 188 8.60 -7.23 10.47
N THR A 189 7.45 -7.90 10.44
CA THR A 189 7.44 -9.36 10.56
C THR A 189 8.31 -9.98 9.48
N SER A 190 8.23 -9.42 8.28
CA SER A 190 9.01 -9.90 7.15
C SER A 190 10.52 -9.80 7.41
N LEU A 191 10.94 -8.77 8.16
CA LEU A 191 12.36 -8.63 8.45
C LEU A 191 12.83 -9.80 9.29
N PHE A 192 12.04 -10.15 10.30
CA PHE A 192 12.43 -11.21 11.23
C PHE A 192 12.32 -12.62 10.62
N THR A 193 11.53 -12.76 9.56
CA THR A 193 11.34 -14.08 8.95
C THR A 193 12.28 -14.34 7.78
N THR A 194 12.86 -13.28 7.22
CA THR A 194 13.74 -13.40 6.05
C THR A 194 15.23 -13.16 6.38
N MET A 195 15.52 -12.70 7.59
CA MET A 195 16.89 -12.38 7.96
C MET A 195 17.37 -13.14 9.19
N LYS A 196 18.61 -13.64 9.11
CA LYS A 196 19.25 -14.28 10.24
C LYS A 196 19.55 -13.22 11.29
N THR A 197 19.89 -13.67 12.50
CA THR A 197 20.13 -12.76 13.61
C THR A 197 21.23 -11.74 13.33
N GLU A 198 22.32 -12.17 12.70
CA GLU A 198 23.43 -11.26 12.42
C GLU A 198 23.03 -10.23 11.35
N GLU A 199 22.36 -10.69 10.30
CA GLU A 199 21.91 -9.80 9.23
C GLU A 199 20.97 -8.74 9.79
N LEU A 200 20.14 -9.16 10.73
CA LEU A 200 19.16 -8.30 11.34
C LEU A 200 19.78 -7.26 12.28
N ASN A 201 20.81 -7.68 13.02
CA ASN A 201 21.53 -6.78 13.90
C ASN A 201 22.33 -5.75 13.10
N ARG A 202 22.83 -6.16 11.94
CA ARG A 202 23.48 -5.23 11.02
C ARG A 202 22.49 -4.22 10.46
N TYR A 203 21.32 -4.72 10.05
CA TYR A 203 20.28 -3.88 9.49
C TYR A 203 19.87 -2.81 10.49
N ARG A 204 19.76 -3.18 11.76
CA ARG A 204 19.42 -2.22 12.80
C ARG A 204 20.39 -1.04 12.85
N ASP A 205 21.68 -1.28 12.63
CA ASP A 205 22.65 -0.17 12.64
C ASP A 205 22.48 0.72 11.43
N THR A 206 22.14 0.13 10.27
CA THR A 206 21.89 0.94 9.08
C THR A 206 20.67 1.85 9.28
N LEU A 207 19.76 1.46 10.18
CA LEU A 207 18.56 2.25 10.41
C LEU A 207 18.79 3.43 11.36
N ARG A 208 20.04 3.64 11.78
CA ARG A 208 20.32 4.73 12.71
C ARG A 208 20.23 6.09 12.02
N ARG A 209 20.35 6.09 10.70
CA ARG A 209 20.18 7.30 9.92
C ARG A 209 19.16 7.07 8.80
N ALA A 210 18.01 7.74 8.92
CA ALA A 210 16.94 7.55 7.96
C ALA A 210 16.15 8.83 7.73
N ILE A 211 15.64 8.94 6.51
CA ILE A 211 14.68 9.96 6.15
C ILE A 211 13.34 9.27 6.00
N LEU A 212 12.30 9.88 6.56
CA LEU A 212 10.95 9.32 6.49
C LEU A 212 10.10 10.15 5.54
N LEU A 213 9.93 9.66 4.32
CA LEU A 213 9.02 10.27 3.37
C LEU A 213 7.66 9.59 3.50
N LEU A 214 7.04 9.82 4.65
CA LEU A 214 5.79 9.16 5.01
C LEU A 214 4.72 10.18 5.39
N SER A 215 3.50 9.70 5.53
CA SER A 215 2.43 10.50 6.11
C SER A 215 2.65 10.58 7.61
N PRO A 216 2.07 11.58 8.27
CA PRO A 216 2.21 11.64 9.72
C PRO A 216 1.78 10.33 10.41
N GLN A 217 0.62 9.79 10.04
CA GLN A 217 0.15 8.55 10.67
C GLN A 217 1.02 7.34 10.32
N GLY A 218 1.45 7.24 9.07
CA GLY A 218 2.33 6.16 8.66
C GLY A 218 3.65 6.22 9.42
N ALA A 219 4.16 7.43 9.63
CA ALA A 219 5.40 7.61 10.38
C ALA A 219 5.22 7.20 11.85
N HIS A 220 4.08 7.54 12.43
CA HIS A 220 3.77 7.15 13.80
C HIS A 220 3.75 5.63 13.96
N SER A 221 3.04 4.94 13.06
CA SER A 221 2.98 3.48 13.09
C SER A 221 4.35 2.85 12.86
N PHE A 222 5.10 3.44 11.94
CA PHE A 222 6.42 2.94 11.57
C PHE A 222 7.36 3.02 12.77
N ILE A 223 7.34 4.14 13.46
CA ILE A 223 8.18 4.35 14.63
C ILE A 223 7.80 3.37 15.74
N ASN A 224 6.51 3.26 16.05
CA ASN A 224 6.06 2.34 17.08
C ASN A 224 6.45 0.90 16.80
N GLU A 225 6.28 0.47 15.56
CA GLU A 225 6.62 -0.91 15.21
C GLU A 225 8.12 -1.13 15.33
N ALA A 226 8.90 -0.10 15.02
CA ALA A 226 10.36 -0.20 15.09
C ALA A 226 10.80 -0.33 16.55
N VAL A 227 10.18 0.45 17.43
CA VAL A 227 10.50 0.41 18.85
C VAL A 227 10.06 -0.91 19.48
N GLU A 228 8.85 -1.35 19.16
CA GLU A 228 8.30 -2.57 19.74
C GLU A 228 9.11 -3.80 19.35
N THR A 229 9.66 -3.81 18.15
CA THR A 229 10.45 -4.93 17.66
C THR A 229 11.93 -4.73 17.98
N ASN A 230 12.24 -3.66 18.71
CA ASN A 230 13.61 -3.39 19.15
C ASN A 230 14.58 -3.19 17.98
N LEU A 231 14.08 -2.58 16.90
CA LEU A 231 14.92 -2.22 15.76
C LEU A 231 15.23 -0.72 15.80
N ALA A 232 14.50 0.01 16.62
CA ALA A 232 14.83 1.40 16.89
C ALA A 232 15.87 1.42 18.00
N SER A 233 16.56 2.55 18.15
CA SER A 233 17.53 2.71 19.23
C SER A 233 17.72 4.17 19.59
N LYS A 234 18.26 4.41 20.78
CA LYS A 234 18.52 5.76 21.24
C LYS A 234 19.57 6.40 20.34
N ASP A 235 20.43 5.57 19.76
CA ASP A 235 21.52 6.00 18.91
C ASP A 235 21.09 6.15 17.44
N SER A 236 19.96 6.78 17.22
CA SER A 236 19.44 6.98 15.87
C SER A 236 19.02 8.42 15.63
N HIS A 237 18.94 8.78 14.36
CA HIS A 237 18.45 10.08 13.96
C HIS A 237 17.57 9.94 12.72
N TRP A 238 16.26 10.09 12.90
CA TRP A 238 15.29 9.99 11.82
C TRP A 238 14.75 11.37 11.48
N VAL A 239 14.65 11.63 10.18
CA VAL A 239 14.20 12.92 9.68
C VAL A 239 12.86 12.76 8.95
N PHE A 240 11.80 13.31 9.53
CA PHE A 240 10.49 13.29 8.89
C PHE A 240 10.38 14.47 7.93
N VAL A 241 10.06 14.16 6.68
CA VAL A 241 10.03 15.15 5.60
C VAL A 241 8.66 15.13 4.91
N ASN A 242 7.94 16.23 5.07
CA ASN A 242 6.59 16.36 4.51
C ASN A 242 6.15 17.81 4.63
N GLU A 243 5.62 18.40 3.57
CA GLU A 243 5.14 19.78 3.63
C GLU A 243 4.11 19.96 4.75
N GLU A 244 3.36 18.89 5.02
CA GLU A 244 2.19 18.99 5.88
C GLU A 244 2.21 18.01 7.06
N ILE A 245 2.21 18.58 8.26
CA ILE A 245 2.03 17.81 9.49
C ILE A 245 1.67 18.76 10.64
N SER A 246 0.71 18.37 11.46
CA SER A 246 0.23 19.25 12.54
C SER A 246 1.07 19.10 13.81
N ASP A 247 0.89 20.03 14.73
CA ASP A 247 1.61 20.00 15.99
C ASP A 247 1.26 18.76 16.83
N PRO A 248 -0.04 18.43 16.95
CA PRO A 248 -0.38 17.18 17.66
C PRO A 248 0.27 15.96 17.01
N GLU A 249 0.35 15.95 15.69
CA GLU A 249 0.97 14.85 14.97
C GLU A 249 2.48 14.82 15.21
N ILE A 250 3.11 15.98 15.29
CA ILE A 250 4.53 16.02 15.61
C ILE A 250 4.78 15.42 16.99
N LEU A 251 3.90 15.73 17.95
CA LEU A 251 4.07 15.22 19.31
C LEU A 251 3.95 13.71 19.38
N ASP A 252 3.06 13.14 18.56
CA ASP A 252 2.91 11.70 18.49
C ASP A 252 4.20 11.04 17.99
N LEU A 253 4.91 11.71 17.10
CA LEU A 253 6.16 11.17 16.59
C LEU A 253 7.24 11.17 17.67
N VAL A 254 7.43 12.32 18.34
CA VAL A 254 8.50 12.44 19.34
C VAL A 254 8.18 11.63 20.59
N HIS A 255 6.91 11.49 20.92
CA HIS A 255 6.51 10.67 22.07
C HIS A 255 6.85 9.20 21.85
N SER A 256 6.89 8.79 20.58
CA SER A 256 7.17 7.39 20.24
C SER A 256 8.64 7.13 19.95
N ALA A 257 9.36 8.15 19.48
CA ALA A 257 10.74 7.97 19.06
C ALA A 257 11.68 7.74 20.24
N LEU A 258 12.65 6.85 20.06
CA LEU A 258 13.65 6.58 21.09
C LEU A 258 14.84 7.52 20.93
N GLY A 259 15.27 7.69 19.68
CA GLY A 259 16.41 8.52 19.37
C GLY A 259 16.00 9.94 19.01
N ARG A 260 16.84 10.59 18.24
CA ARG A 260 16.60 11.95 17.79
C ARG A 260 15.64 12.00 16.60
N MET A 261 14.79 13.02 16.60
CA MET A 261 13.87 13.27 15.49
C MET A 261 14.10 14.67 14.93
N THR A 262 14.03 14.79 13.61
CA THR A 262 13.98 16.09 12.96
C THR A 262 12.74 16.14 12.08
N VAL A 263 12.10 17.30 12.01
CA VAL A 263 10.91 17.50 11.19
C VAL A 263 11.09 18.69 10.27
N VAL A 264 10.82 18.48 8.97
CA VAL A 264 10.79 19.54 7.98
C VAL A 264 9.35 19.70 7.47
N ARG A 265 8.80 20.91 7.58
CA ARG A 265 7.43 21.17 7.14
C ARG A 265 7.26 22.60 6.66
N GLN A 266 6.23 22.83 5.86
CA GLN A 266 5.98 24.15 5.32
C GLN A 266 5.37 25.03 6.39
N ILE A 267 5.72 26.31 6.36
CA ILE A 267 5.13 27.31 7.24
C ILE A 267 4.73 28.50 6.39
N PHE A 268 3.97 29.41 6.97
CA PHE A 268 3.47 30.56 6.24
C PHE A 268 3.67 31.85 7.02
N PRO A 269 3.79 32.98 6.30
CA PRO A 269 3.98 34.28 6.97
C PRO A 269 2.77 34.63 7.82
N SER A 270 2.98 35.36 8.90
CA SER A 270 1.86 35.78 9.72
C SER A 270 1.17 36.88 8.95
N ALA A 271 -0.11 36.68 8.69
CA ALA A 271 -0.90 37.64 7.95
C ALA A 271 -1.48 38.71 8.86
N LYS A 272 -0.74 39.80 9.02
CA LYS A 272 -1.25 40.97 9.71
C LYS A 272 -1.08 42.17 8.82
N ASP A 273 -1.68 42.09 7.64
CA ASP A 273 -1.76 43.24 6.76
C ASP A 273 -2.60 44.30 7.47
N ASN A 274 -2.05 44.88 8.53
CA ASN A 274 -2.75 45.90 9.28
C ASN A 274 -2.98 47.08 8.36
N GLN A 275 -4.11 47.76 8.56
CA GLN A 275 -4.55 48.86 7.71
C GLN A 275 -5.05 48.28 6.38
N LYS A 276 -4.32 47.35 5.79
CA LYS A 276 -4.80 46.66 4.60
C LYS A 276 -6.12 45.96 4.93
N CYS A 277 -6.19 45.40 6.13
CA CYS A 277 -7.34 44.65 6.60
C CYS A 277 -8.26 45.53 7.47
N MET A 278 -8.09 46.84 7.36
CA MET A 278 -8.87 47.81 8.12
C MET A 278 -9.58 48.80 7.20
N ARG A 279 -10.85 49.07 7.50
CA ARG A 279 -11.64 50.07 6.79
C ARG A 279 -12.44 50.95 7.73
N ASN A 280 -12.25 52.27 7.62
CA ASN A 280 -12.91 53.24 8.48
C ASN A 280 -12.76 52.90 9.97
N ASN A 281 -11.53 52.66 10.40
CA ASN A 281 -11.23 52.29 11.78
C ASN A 281 -11.95 50.99 12.18
N HIS A 282 -12.36 50.23 11.17
CA HIS A 282 -13.08 48.96 11.35
C HIS A 282 -12.39 47.82 10.60
N ARG A 283 -12.32 46.65 11.22
CA ARG A 283 -11.62 45.52 10.60
C ARG A 283 -12.52 44.82 9.59
N ILE A 284 -11.91 44.43 8.47
CA ILE A 284 -12.67 43.84 7.38
C ILE A 284 -13.05 42.41 7.68
N SER A 285 -14.29 42.06 7.36
CA SER A 285 -14.78 40.71 7.50
C SER A 285 -14.34 39.84 6.32
N SER A 286 -13.51 38.84 6.60
CA SER A 286 -12.99 37.97 5.56
C SER A 286 -12.06 36.96 6.23
N LEU A 287 -11.93 35.78 5.63
CA LEU A 287 -11.05 34.75 6.18
C LEU A 287 -9.62 35.26 6.30
N LEU A 288 -9.23 36.14 5.38
CA LEU A 288 -7.86 36.62 5.31
C LEU A 288 -7.57 37.65 6.40
N CYS A 289 -8.57 38.47 6.73
CA CYS A 289 -8.38 39.58 7.64
C CYS A 289 -8.89 39.27 9.04
N ASP A 290 -10.18 38.98 9.17
CA ASP A 290 -10.70 38.53 10.44
C ASP A 290 -11.04 37.03 10.43
N PRO A 291 -10.04 36.18 10.73
CA PRO A 291 -10.28 34.74 10.80
C PRO A 291 -10.87 34.31 12.15
N GLN A 292 -11.74 33.32 12.15
CA GLN A 292 -12.27 32.80 13.41
C GLN A 292 -11.13 32.12 14.17
N GLU A 293 -11.15 32.23 15.49
CA GLU A 293 -10.12 31.65 16.33
C GLU A 293 -10.05 30.13 16.15
N GLY A 294 -8.89 29.65 15.69
CA GLY A 294 -8.66 28.22 15.56
C GLY A 294 -9.14 27.61 14.25
N TYR A 295 -9.65 28.46 13.34
CA TYR A 295 -10.22 27.97 12.09
C TYR A 295 -9.17 27.63 11.04
N LEU A 296 -8.24 28.54 10.79
CA LEU A 296 -7.21 28.30 9.78
C LEU A 296 -6.39 27.07 10.13
N GLN A 297 -6.36 26.76 11.44
CA GLN A 297 -5.65 25.60 11.94
C GLN A 297 -6.29 24.29 11.50
N MET A 298 -7.61 24.33 11.27
CA MET A 298 -8.36 23.14 10.88
C MET A 298 -8.26 22.88 9.38
N LEU A 299 -7.73 23.86 8.65
CA LEU A 299 -7.61 23.77 7.20
C LEU A 299 -6.34 23.02 6.81
N GLN A 300 -6.39 22.35 5.66
CA GLN A 300 -5.21 21.74 5.09
C GLN A 300 -4.53 22.78 4.21
N ILE A 301 -3.25 22.56 3.89
CA ILE A 301 -2.48 23.53 3.11
C ILE A 301 -3.14 23.86 1.78
N SER A 302 -3.67 22.83 1.12
CA SER A 302 -4.32 23.05 -0.16
C SER A 302 -5.54 23.97 -0.04
N ASN A 303 -6.20 23.96 1.11
CA ASN A 303 -7.32 24.88 1.33
C ASN A 303 -6.86 26.34 1.30
N LEU A 304 -5.68 26.58 1.85
CA LEU A 304 -5.09 27.91 1.89
C LEU A 304 -4.84 28.39 0.47
N TYR A 305 -4.26 27.52 -0.35
CA TYR A 305 -3.95 27.87 -1.74
C TYR A 305 -5.21 28.01 -2.58
N LEU A 306 -6.27 27.29 -2.21
CA LEU A 306 -7.57 27.40 -2.91
C LEU A 306 -8.13 28.79 -2.69
N TYR A 307 -8.10 29.26 -1.44
CA TYR A 307 -8.55 30.59 -1.11
C TYR A 307 -7.78 31.65 -1.91
N ASP A 308 -6.45 31.58 -1.86
CA ASP A 308 -5.61 32.55 -2.55
C ASP A 308 -5.77 32.49 -4.06
N SER A 309 -6.08 31.30 -4.58
CA SER A 309 -6.31 31.15 -6.01
C SER A 309 -7.50 32.01 -6.45
N VAL A 310 -8.54 32.04 -5.62
CA VAL A 310 -9.73 32.85 -5.92
C VAL A 310 -9.40 34.34 -5.86
N LEU A 311 -8.55 34.74 -4.92
CA LEU A 311 -8.09 36.12 -4.85
C LEU A 311 -7.34 36.49 -6.13
N MET A 312 -6.53 35.56 -6.62
CA MET A 312 -5.75 35.76 -7.83
C MET A 312 -6.67 36.03 -9.02
N LEU A 313 -7.79 35.32 -9.10
CA LEU A 313 -8.74 35.51 -10.19
C LEU A 313 -9.44 36.87 -10.09
N ALA A 314 -9.86 37.21 -8.88
CA ALA A 314 -10.50 38.50 -8.63
C ALA A 314 -9.58 39.64 -9.04
N ASN A 315 -8.30 39.51 -8.71
CA ASN A 315 -7.31 40.50 -9.09
C ASN A 315 -7.24 40.65 -10.61
N ALA A 316 -7.36 39.53 -11.31
CA ALA A 316 -7.32 39.54 -12.77
C ALA A 316 -8.58 40.22 -13.31
N PHE A 317 -9.72 39.95 -12.69
CA PHE A 317 -10.98 40.57 -13.08
C PHE A 317 -10.92 42.08 -12.85
N HIS A 318 -10.21 42.53 -11.82
CA HIS A 318 -10.01 43.95 -11.59
C HIS A 318 -9.32 44.55 -12.80
N ARG A 319 -8.14 44.02 -13.10
CA ARG A 319 -7.28 44.53 -14.15
C ARG A 319 -7.91 44.37 -15.53
N LYS A 320 -8.67 43.30 -15.73
CA LYS A 320 -9.24 43.06 -17.05
C LYS A 320 -10.21 44.19 -17.34
N LEU A 321 -11.05 44.54 -16.38
CA LEU A 321 -12.10 45.53 -16.62
C LEU A 321 -11.62 46.97 -16.51
N GLU A 322 -10.64 47.25 -15.63
CA GLU A 322 -10.16 48.62 -15.50
C GLU A 322 -9.57 49.09 -16.83
N ASP A 323 -8.90 48.15 -17.52
CA ASP A 323 -8.37 48.41 -18.86
C ASP A 323 -9.51 48.48 -19.87
N ARG A 324 -10.73 48.22 -19.39
CA ARG A 324 -11.95 48.23 -20.19
C ARG A 324 -11.91 47.16 -21.28
N LYS A 325 -10.96 46.24 -21.15
CA LYS A 325 -10.84 45.13 -22.08
C LYS A 325 -11.69 44.00 -21.52
N TRP A 326 -12.54 43.40 -22.33
CA TRP A 326 -13.34 42.30 -21.81
C TRP A 326 -13.78 41.40 -22.93
N HIS A 327 -13.81 40.10 -22.65
CA HIS A 327 -14.31 39.13 -23.61
C HIS A 327 -15.41 38.30 -22.96
N SER A 328 -16.59 38.25 -23.59
CA SER A 328 -17.66 37.44 -23.04
C SER A 328 -17.38 35.97 -23.34
N MET A 329 -17.83 35.07 -22.46
CA MET A 329 -17.65 33.65 -22.67
C MET A 329 -18.76 33.06 -23.55
N ALA A 330 -18.44 32.01 -24.30
CA ALA A 330 -19.43 31.32 -25.14
C ALA A 330 -19.83 29.97 -24.54
N SER A 331 -20.99 29.45 -24.96
CA SER A 331 -21.45 28.13 -24.51
C SER A 331 -20.88 27.02 -25.37
N LEU A 332 -19.90 26.30 -24.84
CA LEU A 332 -19.25 25.19 -25.56
C LEU A 332 -19.27 23.86 -24.77
N ASN A 333 -19.75 22.78 -25.40
CA ASN A 333 -19.66 21.46 -24.79
C ASN A 333 -18.51 20.69 -25.45
N CYS A 334 -17.50 20.35 -24.65
CA CYS A 334 -16.22 19.94 -25.20
C CYS A 334 -16.11 18.44 -25.57
N ILE A 335 -16.94 17.58 -25.01
CA ILE A 335 -16.87 16.16 -25.39
C ILE A 335 -17.24 16.07 -26.86
N ARG A 336 -18.15 16.94 -27.31
CA ARG A 336 -18.52 16.97 -28.72
C ARG A 336 -17.33 17.45 -29.55
N LYS A 337 -16.99 16.64 -30.55
CA LYS A 337 -15.78 16.83 -31.36
C LYS A 337 -15.69 18.17 -32.08
N SER A 338 -16.84 18.77 -32.37
CA SER A 338 -16.91 20.00 -33.16
C SER A 338 -16.68 21.27 -32.34
N THR A 339 -16.38 21.12 -31.06
CA THR A 339 -16.27 22.26 -30.16
C THR A 339 -15.04 23.14 -30.42
N LYS A 340 -15.27 24.45 -30.50
CA LYS A 340 -14.21 25.44 -30.68
C LYS A 340 -13.66 25.90 -29.34
N PRO A 341 -12.35 26.21 -29.26
CA PRO A 341 -11.82 26.81 -28.02
C PRO A 341 -12.30 28.23 -27.75
N TRP A 342 -12.20 28.66 -26.50
CA TRP A 342 -12.62 30.00 -26.10
C TRP A 342 -11.64 31.05 -26.64
N ASN A 343 -12.15 31.92 -27.49
CA ASN A 343 -11.31 32.95 -28.12
C ASN A 343 -10.73 33.95 -27.11
N GLY A 344 -11.45 34.19 -26.02
CA GLY A 344 -10.98 35.11 -24.98
C GLY A 344 -10.02 34.48 -23.97
N GLY A 345 -9.73 33.20 -24.13
CA GLY A 345 -8.95 32.44 -23.17
C GLY A 345 -7.51 32.91 -23.01
N ARG A 346 -6.84 33.12 -24.13
CA ARG A 346 -5.45 33.53 -24.13
C ARG A 346 -5.27 34.83 -23.37
N SER A 347 -6.15 35.80 -23.62
CA SER A 347 -6.07 37.09 -22.97
C SER A 347 -6.34 36.99 -21.46
N MET A 348 -7.31 36.16 -21.11
CA MET A 348 -7.66 35.98 -19.70
C MET A 348 -6.52 35.29 -18.96
N LEU A 349 -5.94 34.29 -19.60
CA LEU A 349 -4.80 33.57 -19.02
C LEU A 349 -3.65 34.51 -18.77
N ASP A 350 -3.31 35.32 -19.76
CA ASP A 350 -2.22 36.27 -19.65
C ASP A 350 -2.43 37.24 -18.50
N THR A 351 -3.67 37.71 -18.35
CA THR A 351 -4.00 38.65 -17.29
C THR A 351 -3.76 38.04 -15.91
N ILE A 352 -4.10 36.76 -15.76
CA ILE A 352 -3.96 36.06 -14.50
C ILE A 352 -2.48 35.86 -14.16
N LYS A 353 -1.67 35.54 -15.16
CA LYS A 353 -0.25 35.27 -14.94
C LYS A 353 0.51 36.50 -14.46
N LYS A 354 0.12 37.68 -14.96
CA LYS A 354 0.77 38.93 -14.56
C LYS A 354 0.31 39.41 -13.20
N GLY A 355 -0.62 38.68 -12.59
CA GLY A 355 -1.19 39.09 -11.33
C GLY A 355 -0.27 38.87 -10.14
N HIS A 356 -0.58 39.56 -9.05
CA HIS A 356 0.15 39.44 -7.81
C HIS A 356 -0.81 39.77 -6.68
N ILE A 357 -0.84 38.91 -5.65
CA ILE A 357 -1.68 39.13 -4.50
C ILE A 357 -0.97 38.64 -3.25
N THR A 358 -1.46 39.09 -2.11
CA THR A 358 -0.98 38.60 -0.83
C THR A 358 -2.16 37.98 -0.09
N GLY A 359 -2.06 36.68 0.19
CA GLY A 359 -3.15 35.96 0.79
C GLY A 359 -2.72 35.14 1.99
N LEU A 360 -3.45 34.05 2.23
CA LEU A 360 -3.19 33.19 3.38
C LEU A 360 -1.81 32.53 3.31
N THR A 361 -1.31 32.32 2.09
CA THR A 361 -0.02 31.68 1.90
C THR A 361 1.11 32.70 1.71
N GLY A 362 0.75 33.98 1.78
CA GLY A 362 1.70 35.05 1.52
C GLY A 362 1.56 35.54 0.10
N VAL A 363 2.68 35.91 -0.52
CA VAL A 363 2.65 36.39 -1.90
C VAL A 363 2.39 35.24 -2.85
N MET A 364 1.45 35.45 -3.77
CA MET A 364 1.22 34.53 -4.86
C MET A 364 1.42 35.26 -6.18
N GLU A 365 2.22 34.67 -7.06
CA GLU A 365 2.43 35.21 -8.39
C GLU A 365 2.90 34.08 -9.29
N PHE A 366 3.02 34.35 -10.58
CA PHE A 366 3.45 33.33 -11.53
C PHE A 366 4.59 33.83 -12.41
N ARG A 367 5.68 33.08 -12.40
CA ARG A 367 6.84 33.34 -13.23
C ARG A 367 6.55 32.90 -14.67
N GLU A 368 7.56 33.00 -15.53
CA GLU A 368 7.40 32.64 -16.94
C GLU A 368 7.12 31.14 -17.10
N ASP A 369 7.70 30.33 -16.22
CA ASP A 369 7.47 28.89 -16.24
C ASP A 369 6.12 28.52 -15.60
N SER A 370 5.32 29.53 -15.27
CA SER A 370 3.95 29.35 -14.79
C SER A 370 3.94 28.75 -13.38
N SER A 371 5.01 28.97 -12.63
CA SER A 371 5.11 28.44 -11.27
C SER A 371 4.94 29.55 -10.24
N ASN A 372 4.31 29.21 -9.11
CA ASN A 372 4.26 30.08 -7.95
C ASN A 372 5.50 29.81 -7.11
N PRO A 373 6.49 30.72 -7.14
CA PRO A 373 7.83 30.32 -6.69
C PRO A 373 8.04 30.24 -5.17
N TYR A 374 7.39 31.07 -4.37
CA TYR A 374 7.78 31.17 -2.97
C TYR A 374 7.28 30.00 -2.11
N VAL A 375 8.21 29.48 -1.31
CA VAL A 375 7.89 28.47 -0.30
C VAL A 375 8.87 28.62 0.85
N GLN A 376 8.37 28.36 2.06
CA GLN A 376 9.20 28.44 3.26
C GLN A 376 8.94 27.23 4.15
N PHE A 377 10.03 26.67 4.67
CA PHE A 377 9.98 25.54 5.58
C PHE A 377 10.60 25.90 6.93
N GLU A 378 10.21 25.19 7.97
CA GLU A 378 10.90 25.25 9.25
C GLU A 378 11.49 23.87 9.53
N ILE A 379 12.59 23.88 10.28
CA ILE A 379 13.30 22.66 10.62
C ILE A 379 13.29 22.55 12.14
N LEU A 380 12.63 21.51 12.64
CA LEU A 380 12.44 21.30 14.06
C LEU A 380 13.28 20.12 14.55
N GLY A 381 13.77 20.22 15.77
CA GLY A 381 14.58 19.16 16.36
C GLY A 381 14.03 18.84 17.74
N THR A 382 14.19 17.59 18.16
CA THR A 382 13.65 17.13 19.43
C THR A 382 14.38 17.68 20.66
N THR A 383 13.62 17.85 21.74
CA THR A 383 14.14 18.30 23.02
C THR A 383 13.46 17.52 24.13
N TYR A 384 14.01 17.62 25.35
CA TYR A 384 13.42 16.92 26.48
C TYR A 384 13.57 17.67 27.80
N SER A 385 12.55 17.54 28.64
CA SER A 385 12.59 18.01 30.02
C SER A 385 11.75 17.06 30.88
N GLU A 386 12.19 16.83 32.11
CA GLU A 386 11.45 15.97 33.03
C GLU A 386 10.03 16.48 33.24
N THR A 387 9.85 17.78 33.10
CA THR A 387 8.58 18.43 33.41
C THR A 387 7.54 18.23 32.31
N PHE A 388 7.95 18.42 31.07
CA PHE A 388 7.02 18.41 29.94
C PHE A 388 7.26 17.23 29.00
N GLY A 389 8.33 16.48 29.25
CA GLY A 389 8.66 15.33 28.43
C GLY A 389 9.22 15.72 27.08
N LYS A 390 8.91 14.90 26.07
CA LYS A 390 9.41 15.08 24.71
C LYS A 390 8.74 16.22 23.96
N ASP A 391 9.54 17.20 23.54
CA ASP A 391 9.01 18.30 22.74
C ASP A 391 10.00 18.66 21.62
N MET A 392 9.46 19.22 20.53
CA MET A 392 10.25 19.72 19.41
C MET A 392 10.61 21.20 19.55
N ARG A 393 11.71 21.63 18.95
CA ARG A 393 12.11 23.03 18.94
C ARG A 393 12.55 23.47 17.54
N LYS A 394 12.21 24.70 17.18
CA LYS A 394 12.60 25.27 15.89
C LYS A 394 14.10 25.57 15.87
N LEU A 395 14.81 24.99 14.92
CA LEU A 395 16.25 25.18 14.79
C LEU A 395 16.57 26.15 13.65
N ALA A 396 15.78 26.09 12.57
CA ALA A 396 16.06 26.91 11.40
C ALA A 396 14.87 26.99 10.46
N THR A 397 14.99 27.88 9.48
CA THR A 397 14.04 27.96 8.38
C THR A 397 14.80 27.88 7.07
N TRP A 398 14.08 27.50 6.02
CA TRP A 398 14.61 27.49 4.66
C TRP A 398 13.55 28.05 3.73
N ASP A 399 13.94 28.99 2.88
CA ASP A 399 13.01 29.57 1.93
C ASP A 399 13.66 29.61 0.54
N SER A 400 12.84 29.75 -0.48
CA SER A 400 13.29 29.65 -1.86
C SER A 400 13.97 30.92 -2.38
N GLU A 401 14.00 31.96 -1.55
CA GLU A 401 14.68 33.20 -1.92
C GLU A 401 16.09 33.29 -1.31
N LYS A 402 16.19 33.09 0.00
CA LYS A 402 17.43 33.30 0.73
C LYS A 402 18.08 32.00 1.21
N GLY A 403 17.36 30.89 1.10
CA GLY A 403 17.89 29.61 1.53
C GLY A 403 17.83 29.44 3.04
N LEU A 404 18.87 28.80 3.59
CA LEU A 404 18.91 28.47 5.01
C LEU A 404 19.13 29.68 5.92
N ASN A 405 18.40 29.69 7.03
CA ASN A 405 18.57 30.67 8.09
C ASN A 405 18.59 29.95 9.44
N GLY A 406 19.74 29.96 10.09
CA GLY A 406 19.96 29.23 11.32
C GLY A 406 20.93 28.08 11.15
N SER A 407 21.32 27.45 12.26
CA SER A 407 22.30 26.37 12.24
C SER A 407 21.64 25.02 12.51
N LEU A 408 22.35 23.94 12.17
CA LEU A 408 21.84 22.58 12.32
C LEU A 408 22.85 21.68 13.02
N SER B 5 -21.95 -6.13 -39.55
CA SER B 5 -22.82 -5.18 -38.87
C SER B 5 -23.28 -5.71 -37.52
N ILE B 6 -22.53 -6.67 -36.97
CA ILE B 6 -22.82 -7.23 -35.65
C ILE B 6 -21.57 -7.18 -34.76
N ILE B 7 -20.43 -7.63 -35.29
CA ILE B 7 -19.18 -7.48 -34.58
C ILE B 7 -18.53 -6.16 -34.94
N HIS B 8 -18.60 -5.20 -34.03
CA HIS B 8 -17.95 -3.91 -34.21
C HIS B 8 -17.04 -3.62 -33.02
N ILE B 9 -15.79 -3.29 -33.31
CA ILE B 9 -14.83 -2.90 -32.26
C ILE B 9 -14.23 -1.54 -32.57
N GLY B 10 -13.88 -0.80 -31.53
CA GLY B 10 -13.31 0.52 -31.68
C GLY B 10 -11.81 0.46 -31.46
N ALA B 11 -11.09 1.34 -32.12
CA ALA B 11 -9.64 1.42 -31.95
C ALA B 11 -9.18 2.87 -31.84
N ILE B 12 -8.26 3.11 -30.92
CA ILE B 12 -7.63 4.44 -30.79
C ILE B 12 -6.11 4.29 -30.78
N PHE B 13 -5.45 4.99 -31.70
CA PHE B 13 -4.00 4.94 -31.82
C PHE B 13 -3.42 6.35 -31.75
N GLU B 14 -2.33 6.49 -31.00
CA GLU B 14 -1.61 7.75 -30.95
C GLU B 14 -0.76 7.93 -32.19
N GLU B 15 -0.54 9.18 -32.57
CA GLU B 15 0.45 9.47 -33.60
C GLU B 15 1.79 9.07 -33.00
N ASN B 16 2.66 8.40 -33.75
CA ASN B 16 2.44 7.96 -35.11
C ASN B 16 1.65 6.64 -35.16
N ALA B 17 0.53 6.64 -35.87
CA ALA B 17 -0.40 5.51 -35.83
C ALA B 17 -0.31 4.63 -37.07
N ALA B 18 0.67 4.88 -37.92
CA ALA B 18 0.73 4.23 -39.23
C ALA B 18 0.88 2.71 -39.13
N LYS B 19 1.87 2.24 -38.38
CA LYS B 19 2.10 0.81 -38.24
C LYS B 19 0.99 0.11 -37.46
N ASP B 20 0.49 0.76 -36.42
CA ASP B 20 -0.61 0.19 -35.64
C ASP B 20 -1.86 0.07 -36.51
N ASP B 21 -2.18 1.15 -37.22
CA ASP B 21 -3.30 1.19 -38.15
C ASP B 21 -3.18 0.03 -39.12
N ARG B 22 -1.97 -0.12 -39.66
CA ARG B 22 -1.68 -1.11 -40.68
C ARG B 22 -1.83 -2.53 -40.13
N VAL B 23 -1.17 -2.79 -39.01
CA VAL B 23 -1.16 -4.11 -38.39
C VAL B 23 -2.54 -4.49 -37.88
N PHE B 24 -3.26 -3.53 -37.34
CA PHE B 24 -4.62 -3.77 -36.84
C PHE B 24 -5.51 -4.28 -37.96
N GLN B 25 -5.41 -3.64 -39.13
CA GLN B 25 -6.20 -4.03 -40.28
C GLN B 25 -5.75 -5.37 -40.86
N LEU B 26 -4.46 -5.69 -40.74
CA LEU B 26 -3.95 -6.99 -41.16
C LEU B 26 -4.49 -8.12 -40.30
N ALA B 27 -4.56 -7.89 -38.99
CA ALA B 27 -5.07 -8.88 -38.07
C ALA B 27 -6.51 -9.24 -38.44
N VAL B 28 -7.34 -8.22 -38.60
CA VAL B 28 -8.73 -8.43 -38.97
C VAL B 28 -8.80 -9.10 -40.34
N SER B 29 -7.93 -8.69 -41.26
CA SER B 29 -7.92 -9.26 -42.60
C SER B 29 -7.57 -10.74 -42.58
N ASP B 30 -6.51 -11.09 -41.85
CA ASP B 30 -6.08 -12.49 -41.76
C ASP B 30 -7.17 -13.38 -41.18
N LEU B 31 -7.95 -12.83 -40.25
CA LEU B 31 -9.06 -13.57 -39.65
C LEU B 31 -10.17 -13.86 -40.65
N SER B 32 -10.48 -12.86 -41.49
CA SER B 32 -11.63 -12.94 -42.39
C SER B 32 -11.49 -14.04 -43.46
N LEU B 33 -10.29 -14.57 -43.65
CA LEU B 33 -10.09 -15.68 -44.59
C LEU B 33 -10.58 -17.01 -44.00
N ASN B 34 -10.53 -17.12 -42.67
CA ASN B 34 -10.92 -18.36 -42.00
C ASN B 34 -12.27 -18.23 -41.31
N SER B 40 -18.70 -15.58 -42.22
CA SER B 40 -20.12 -15.38 -41.92
C SER B 40 -20.37 -14.01 -41.29
N GLU B 41 -20.21 -13.92 -39.98
CA GLU B 41 -20.29 -12.64 -39.27
C GLU B 41 -18.90 -12.07 -39.13
N LYS B 42 -18.60 -11.05 -39.93
CA LYS B 42 -17.26 -10.48 -39.99
C LYS B 42 -17.05 -9.37 -38.97
N ILE B 43 -15.80 -9.20 -38.56
CA ILE B 43 -15.42 -8.13 -37.65
C ILE B 43 -15.34 -6.82 -38.41
N THR B 44 -16.08 -5.82 -37.95
CA THR B 44 -15.99 -4.47 -38.51
C THR B 44 -15.37 -3.59 -37.45
N TYR B 45 -14.88 -2.42 -37.84
CA TYR B 45 -14.19 -1.55 -36.91
C TYR B 45 -14.15 -0.09 -37.33
N SER B 46 -13.90 0.76 -36.34
CA SER B 46 -13.63 2.18 -36.57
C SER B 46 -12.35 2.54 -35.84
N ILE B 47 -11.40 3.11 -36.58
CA ILE B 47 -10.10 3.50 -36.05
C ILE B 47 -10.06 5.01 -35.87
N LYS B 48 -9.66 5.43 -34.68
CA LYS B 48 -9.45 6.84 -34.39
C LYS B 48 -7.96 7.10 -34.16
N VAL B 49 -7.46 8.19 -34.71
CA VAL B 49 -6.07 8.59 -34.51
C VAL B 49 -6.07 9.87 -33.71
N ILE B 50 -5.26 9.89 -32.65
CA ILE B 50 -5.21 11.04 -31.76
C ILE B 50 -3.76 11.51 -31.60
N GLU B 51 -3.59 12.75 -31.17
CA GLU B 51 -2.28 13.27 -30.82
C GLU B 51 -1.72 12.49 -29.64
N ALA B 52 -0.40 12.43 -29.55
CA ALA B 52 0.25 11.82 -28.41
C ALA B 52 0.09 12.73 -27.21
N ASN B 53 0.08 12.14 -26.02
CA ASN B 53 -0.05 12.88 -24.77
C ASN B 53 -1.27 13.78 -24.77
N ASN B 54 -2.38 13.28 -25.33
CA ASN B 54 -3.61 14.04 -25.36
C ASN B 54 -4.78 13.18 -24.87
N PRO B 55 -4.89 13.02 -23.54
CA PRO B 55 -5.96 12.21 -22.94
C PRO B 55 -7.35 12.77 -23.22
N PHE B 56 -7.49 14.08 -23.31
CA PHE B 56 -8.80 14.66 -23.59
C PHE B 56 -9.29 14.28 -24.97
N GLN B 57 -8.40 14.35 -25.96
CA GLN B 57 -8.74 13.91 -27.31
C GLN B 57 -9.10 12.43 -27.31
N ALA B 58 -8.36 11.66 -26.53
CA ALA B 58 -8.61 10.22 -26.41
C ALA B 58 -10.03 9.95 -25.89
N VAL B 59 -10.48 10.74 -24.93
CA VAL B 59 -11.81 10.57 -24.38
C VAL B 59 -12.87 10.97 -25.41
N GLN B 60 -12.62 12.06 -26.13
CA GLN B 60 -13.54 12.50 -27.18
C GLN B 60 -13.78 11.41 -28.20
N GLU B 61 -12.70 10.82 -28.70
CA GLU B 61 -12.80 9.79 -29.73
C GLU B 61 -13.41 8.52 -29.16
N ALA B 62 -13.05 8.18 -27.93
CA ALA B 62 -13.59 6.99 -27.30
C ALA B 62 -15.09 7.11 -27.09
N CYS B 63 -15.54 8.30 -26.68
CA CYS B 63 -16.96 8.51 -26.44
C CYS B 63 -17.74 8.47 -27.75
N ASP B 64 -17.16 9.00 -28.82
CA ASP B 64 -17.78 8.94 -30.13
C ASP B 64 -17.89 7.50 -30.59
N LEU B 65 -16.84 6.71 -30.36
CA LEU B 65 -16.87 5.30 -30.74
C LEU B 65 -17.94 4.54 -29.97
N MET B 66 -18.20 4.95 -28.73
CA MET B 66 -19.17 4.25 -27.89
C MET B 66 -20.62 4.58 -28.25
N THR B 67 -20.88 5.76 -28.82
CA THR B 67 -22.20 6.09 -29.32
C THR B 67 -22.51 5.27 -30.58
N GLN B 68 -21.46 4.85 -31.28
CA GLN B 68 -21.63 4.02 -32.46
C GLN B 68 -21.84 2.58 -32.01
N GLY B 69 -21.62 2.33 -30.74
CA GLY B 69 -21.74 1.00 -30.17
C GLY B 69 -20.59 0.10 -30.55
N ILE B 70 -19.79 -0.23 -29.55
CA ILE B 70 -18.67 -1.16 -29.70
C ILE B 70 -18.72 -2.30 -28.68
N LEU B 71 -18.10 -3.43 -29.02
CA LEU B 71 -18.03 -4.57 -28.12
C LEU B 71 -16.80 -4.49 -27.24
N ALA B 72 -15.80 -3.75 -27.70
CA ALA B 72 -14.53 -3.65 -27.03
C ALA B 72 -13.71 -2.50 -27.62
N LEU B 73 -12.76 -2.00 -26.84
CA LEU B 73 -11.88 -0.93 -27.29
C LEU B 73 -10.44 -1.40 -27.26
N VAL B 74 -9.78 -1.35 -28.42
CA VAL B 74 -8.36 -1.65 -28.53
C VAL B 74 -7.61 -0.35 -28.69
N THR B 75 -6.61 -0.13 -27.84
CA THR B 75 -5.87 1.11 -27.87
C THR B 75 -4.37 0.86 -27.84
N SER B 76 -3.62 1.80 -28.41
CA SER B 76 -2.17 1.79 -28.33
C SER B 76 -1.74 3.23 -28.10
N THR B 77 -1.37 3.53 -26.86
CA THR B 77 -1.10 4.90 -26.44
C THR B 77 -0.04 4.92 -25.34
N GLY B 78 0.33 6.12 -24.93
CA GLY B 78 1.13 6.30 -23.73
C GLY B 78 0.26 6.21 -22.49
N CYS B 79 0.86 6.47 -21.34
CA CYS B 79 0.18 6.22 -20.07
C CYS B 79 -0.84 7.30 -19.70
N ALA B 80 -0.61 8.52 -20.15
CA ALA B 80 -1.54 9.60 -19.85
C ALA B 80 -2.93 9.31 -20.44
N SER B 81 -2.95 8.88 -21.69
CA SER B 81 -4.20 8.54 -22.37
C SER B 81 -4.75 7.22 -21.88
N ALA B 82 -3.86 6.27 -21.57
CA ALA B 82 -4.27 4.98 -21.04
C ALA B 82 -5.05 5.17 -19.74
N ASN B 83 -4.56 6.07 -18.90
CA ASN B 83 -5.19 6.36 -17.63
C ASN B 83 -6.61 6.90 -17.80
N ALA B 84 -6.77 7.85 -18.71
CA ALA B 84 -8.08 8.45 -18.96
C ALA B 84 -9.04 7.43 -19.57
N LEU B 85 -8.56 6.63 -20.51
CA LEU B 85 -9.39 5.65 -21.20
C LEU B 85 -9.77 4.50 -20.29
N GLN B 86 -8.88 4.15 -19.36
CA GLN B 86 -9.17 3.13 -18.37
C GLN B 86 -10.34 3.57 -17.49
N SER B 87 -10.32 4.83 -17.07
CA SER B 87 -11.39 5.42 -16.26
C SER B 87 -12.71 5.41 -17.03
N LEU B 88 -12.64 5.77 -18.32
CA LEU B 88 -13.83 5.76 -19.18
C LEU B 88 -14.41 4.38 -19.37
N THR B 89 -13.57 3.41 -19.72
CA THR B 89 -14.05 2.08 -20.05
C THR B 89 -14.52 1.36 -18.79
N ASP B 90 -13.93 1.69 -17.64
CA ASP B 90 -14.44 1.20 -16.36
C ASP B 90 -15.88 1.66 -16.15
N ALA B 91 -16.14 2.94 -16.38
CA ALA B 91 -17.46 3.50 -16.13
C ALA B 91 -18.53 2.94 -17.08
N MET B 92 -18.13 2.64 -18.32
CA MET B 92 -19.07 2.22 -19.35
C MET B 92 -19.13 0.71 -19.51
N HIS B 93 -18.27 -0.01 -18.78
CA HIS B 93 -18.19 -1.46 -18.88
C HIS B 93 -17.89 -1.89 -20.32
N ILE B 94 -16.90 -1.25 -20.92
CA ILE B 94 -16.41 -1.63 -22.24
C ILE B 94 -15.06 -2.30 -22.08
N PRO B 95 -14.94 -3.58 -22.48
CA PRO B 95 -13.64 -4.23 -22.41
C PRO B 95 -12.56 -3.43 -23.14
N HIS B 96 -11.40 -3.29 -22.52
CA HIS B 96 -10.36 -2.41 -23.02
C HIS B 96 -9.03 -3.15 -23.09
N LEU B 97 -8.62 -3.47 -24.31
CA LEU B 97 -7.32 -4.09 -24.54
C LEU B 97 -6.30 -2.99 -24.82
N PHE B 98 -5.38 -2.80 -23.88
CA PHE B 98 -4.41 -1.72 -23.93
C PHE B 98 -3.02 -2.22 -24.29
N VAL B 99 -2.49 -1.72 -25.40
CA VAL B 99 -1.13 -2.04 -25.83
C VAL B 99 -0.24 -0.83 -25.59
N GLN B 100 0.57 -0.88 -24.55
CA GLN B 100 1.40 0.24 -24.15
C GLN B 100 2.48 0.52 -25.19
N ARG B 101 2.61 1.78 -25.56
CA ARG B 101 3.63 2.19 -26.54
C ARG B 101 5.03 2.22 -25.91
N ASN B 102 6.03 1.95 -26.74
CA ASN B 102 7.42 2.22 -26.36
C ASN B 102 7.58 3.74 -26.18
N PRO B 103 8.01 4.18 -24.99
CA PRO B 103 8.12 5.63 -24.74
C PRO B 103 9.39 6.26 -25.34
N GLY B 104 9.34 6.57 -26.63
CA GLY B 104 10.47 7.19 -27.32
C GLY B 104 11.70 6.29 -27.36
N GLY B 105 11.48 4.98 -27.23
CA GLY B 105 12.58 4.04 -27.23
C GLY B 105 13.08 3.70 -25.83
N SER B 106 12.66 4.50 -24.84
CA SER B 106 13.16 4.31 -23.48
C SER B 106 12.64 3.01 -22.86
N PRO B 107 13.34 2.52 -21.83
CA PRO B 107 12.83 1.31 -21.16
C PRO B 107 11.44 1.54 -20.60
N ARG B 108 10.59 0.52 -20.70
CA ARG B 108 9.19 0.62 -20.32
C ARG B 108 8.96 0.47 -18.82
N THR B 109 8.04 1.27 -18.29
CA THR B 109 7.47 1.08 -16.97
C THR B 109 5.96 0.99 -17.13
N ALA B 110 5.34 0.00 -16.48
CA ALA B 110 3.89 -0.18 -16.56
C ALA B 110 3.16 1.07 -16.12
N CYS B 111 2.05 1.37 -16.80
CA CYS B 111 1.29 2.58 -16.53
C CYS B 111 0.65 2.53 -15.14
N HIS B 112 0.59 3.68 -14.49
CA HIS B 112 -0.11 3.80 -13.22
C HIS B 112 -1.59 4.01 -13.49
N LEU B 113 -2.37 2.96 -13.27
CA LEU B 113 -3.80 3.00 -13.53
C LEU B 113 -4.56 3.35 -12.25
N ASN B 114 -5.81 3.77 -12.42
CA ASN B 114 -6.65 4.12 -11.28
C ASN B 114 -7.24 2.86 -10.66
N PRO B 115 -7.59 2.92 -9.36
CA PRO B 115 -8.35 1.82 -8.77
C PRO B 115 -9.68 1.58 -9.48
N SER B 116 -10.08 0.33 -9.62
CA SER B 116 -11.36 -0.02 -10.22
C SER B 116 -12.29 -0.59 -9.15
N PRO B 117 -13.61 -0.39 -9.31
CA PRO B 117 -14.54 -1.08 -8.41
C PRO B 117 -14.35 -2.58 -8.47
N ASP B 118 -14.57 -3.27 -7.34
CA ASP B 118 -14.31 -4.69 -7.23
C ASP B 118 -15.04 -5.49 -8.31
N GLY B 119 -14.27 -6.23 -9.11
CA GLY B 119 -14.84 -7.07 -10.16
C GLY B 119 -15.32 -6.28 -11.37
N GLU B 120 -14.91 -5.02 -11.48
CA GLU B 120 -15.31 -4.18 -12.60
C GLU B 120 -14.11 -3.41 -13.14
N ALA B 121 -12.99 -4.12 -13.31
CA ALA B 121 -11.80 -3.59 -13.93
C ALA B 121 -11.75 -4.08 -15.37
N TYR B 122 -11.95 -3.16 -16.31
CA TYR B 122 -12.17 -3.53 -17.71
C TYR B 122 -10.92 -3.39 -18.59
N THR B 123 -9.82 -2.90 -18.03
CA THR B 123 -8.59 -2.74 -18.80
C THR B 123 -7.71 -3.98 -18.68
N LEU B 124 -7.38 -4.55 -19.83
CA LEU B 124 -6.44 -5.65 -19.92
C LEU B 124 -5.20 -5.19 -20.65
N ALA B 125 -4.06 -5.24 -19.97
CA ALA B 125 -2.79 -4.87 -20.59
C ALA B 125 -2.27 -6.05 -21.39
N SER B 126 -2.08 -5.83 -22.70
CA SER B 126 -1.69 -6.89 -23.60
C SER B 126 -0.23 -7.26 -23.42
N ARG B 127 0.60 -6.26 -23.16
CA ARG B 127 2.02 -6.51 -22.93
C ARG B 127 2.21 -7.03 -21.50
N PRO B 128 3.12 -8.00 -21.33
CA PRO B 128 3.31 -8.56 -20.00
C PRO B 128 3.86 -7.54 -19.02
N PRO B 129 3.75 -7.81 -17.72
CA PRO B 129 4.42 -6.93 -16.74
C PRO B 129 5.91 -6.83 -17.05
N VAL B 130 6.52 -5.70 -16.72
CA VAL B 130 7.94 -5.55 -16.95
C VAL B 130 8.71 -6.39 -15.92
N ARG B 131 9.48 -7.35 -16.44
CA ARG B 131 10.22 -8.27 -15.58
C ARG B 131 11.74 -8.04 -15.68
N LEU B 132 12.13 -6.88 -16.17
CA LEU B 132 13.55 -6.56 -16.32
C LEU B 132 14.23 -6.44 -14.96
N ASN B 133 13.46 -6.07 -13.93
CA ASN B 133 14.00 -5.98 -12.58
C ASN B 133 14.53 -7.33 -12.10
N ASP B 134 13.79 -8.40 -12.39
CA ASP B 134 14.20 -9.74 -12.00
C ASP B 134 15.50 -10.13 -12.70
N VAL B 135 15.58 -9.85 -14.00
CA VAL B 135 16.78 -10.20 -14.77
C VAL B 135 17.98 -9.39 -14.31
N MET B 136 17.77 -8.11 -14.03
CA MET B 136 18.84 -7.25 -13.56
C MET B 136 19.35 -7.73 -12.20
N LEU B 137 18.44 -8.19 -11.35
CA LEU B 137 18.79 -8.69 -10.04
C LEU B 137 19.69 -9.92 -10.13
N ARG B 138 19.27 -10.92 -10.91
CA ARG B 138 20.07 -12.10 -11.13
C ARG B 138 21.44 -11.75 -11.71
N LEU B 139 21.45 -10.78 -12.60
CA LEU B 139 22.67 -10.45 -13.34
C LEU B 139 23.72 -9.80 -12.44
N VAL B 140 23.32 -8.84 -11.61
CA VAL B 140 24.28 -8.15 -10.75
C VAL B 140 24.77 -9.08 -9.64
N THR B 141 23.93 -10.04 -9.26
CA THR B 141 24.32 -11.03 -8.25
C THR B 141 25.30 -12.05 -8.83
N GLU B 142 25.03 -12.49 -10.06
CA GLU B 142 25.92 -13.41 -10.75
C GLU B 142 27.27 -12.75 -11.03
N LEU B 143 27.24 -11.48 -11.41
CA LEU B 143 28.46 -10.73 -11.69
C LEU B 143 29.16 -10.30 -10.40
N ARG B 144 28.52 -10.58 -9.27
CA ARG B 144 29.05 -10.22 -7.96
C ARG B 144 29.36 -8.72 -7.88
N TRP B 145 28.45 -7.91 -8.40
CA TRP B 145 28.54 -6.46 -8.26
C TRP B 145 28.05 -6.03 -6.89
N GLN B 146 28.83 -5.19 -6.23
CA GLN B 146 28.44 -4.63 -4.95
C GLN B 146 28.07 -3.16 -5.05
N LYS B 147 28.81 -2.45 -5.89
CA LYS B 147 28.58 -1.04 -6.14
C LYS B 147 28.43 -0.85 -7.64
N PHE B 148 27.44 -0.08 -8.05
CA PHE B 148 27.26 0.23 -9.46
C PHE B 148 26.31 1.40 -9.67
N VAL B 149 26.40 1.98 -10.86
CA VAL B 149 25.55 3.08 -11.25
C VAL B 149 24.44 2.58 -12.18
N MET B 150 23.25 3.16 -12.02
CA MET B 150 22.17 2.95 -12.98
C MET B 150 21.87 4.27 -13.66
N PHE B 151 22.19 4.36 -14.94
CA PHE B 151 21.86 5.53 -15.75
C PHE B 151 20.47 5.32 -16.36
N TYR B 152 19.62 6.34 -16.28
CA TYR B 152 18.30 6.28 -16.93
C TYR B 152 18.05 7.60 -17.65
N ASP B 153 17.33 7.56 -18.76
CA ASP B 153 17.17 8.77 -19.57
C ASP B 153 16.01 9.63 -19.07
N SER B 154 15.76 10.72 -19.77
CA SER B 154 14.81 11.74 -19.33
C SER B 154 13.35 11.31 -19.45
N GLU B 155 13.11 10.19 -20.13
CA GLU B 155 11.75 9.68 -20.30
C GLU B 155 11.44 8.52 -19.37
N TYR B 156 12.45 7.90 -18.78
CA TYR B 156 12.22 6.70 -17.97
C TYR B 156 11.55 7.02 -16.64
N ASP B 157 10.58 6.19 -16.29
CA ASP B 157 9.82 6.31 -15.05
C ASP B 157 10.42 5.40 -13.98
N ILE B 158 11.16 5.99 -13.03
CA ILE B 158 11.95 5.21 -12.08
C ILE B 158 11.09 4.47 -11.05
N ARG B 159 9.79 4.75 -11.01
CA ARG B 159 8.88 3.98 -10.17
C ARG B 159 8.91 2.51 -10.59
N GLY B 160 9.31 2.26 -11.84
CA GLY B 160 9.42 0.90 -12.35
C GLY B 160 10.55 0.10 -11.70
N LEU B 161 11.47 0.79 -11.02
CA LEU B 161 12.61 0.14 -10.39
C LEU B 161 12.33 -0.33 -8.95
N GLN B 162 11.10 -0.14 -8.48
CA GLN B 162 10.76 -0.36 -7.07
C GLN B 162 11.25 -1.70 -6.52
N SER B 163 10.86 -2.81 -7.15
CA SER B 163 11.20 -4.13 -6.65
C SER B 163 12.70 -4.40 -6.77
N PHE B 164 13.35 -3.82 -7.76
CA PHE B 164 14.79 -3.95 -7.89
C PHE B 164 15.49 -3.24 -6.74
N LEU B 165 15.01 -2.04 -6.41
CA LEU B 165 15.63 -1.24 -5.35
C LEU B 165 15.45 -1.86 -3.97
N ASP B 166 14.26 -2.40 -3.72
CA ASP B 166 13.98 -3.05 -2.45
C ASP B 166 14.87 -4.27 -2.25
N GLN B 167 14.91 -5.13 -3.26
CA GLN B 167 15.72 -6.34 -3.20
C GLN B 167 17.20 -6.00 -3.08
N ALA B 168 17.64 -5.00 -3.82
CA ALA B 168 19.02 -4.56 -3.79
C ALA B 168 19.41 -4.11 -2.38
N SER B 169 18.46 -3.46 -1.69
CA SER B 169 18.69 -3.03 -0.31
C SER B 169 18.85 -4.22 0.61
N ARG B 170 18.02 -5.25 0.41
CA ARG B 170 18.10 -6.46 1.21
C ARG B 170 19.46 -7.14 1.04
N LEU B 171 20.01 -7.06 -0.16
CA LEU B 171 21.29 -7.70 -0.47
C LEU B 171 22.49 -6.83 -0.10
N GLY B 172 22.23 -5.60 0.35
CA GLY B 172 23.29 -4.71 0.75
C GLY B 172 24.09 -4.12 -0.39
N LEU B 173 23.48 -4.08 -1.58
CA LEU B 173 24.14 -3.47 -2.74
C LEU B 173 24.10 -1.97 -2.59
N ASP B 174 25.07 -1.27 -3.17
CA ASP B 174 25.05 0.20 -3.23
C ASP B 174 24.80 0.67 -4.66
N VAL B 175 23.60 1.18 -4.90
CA VAL B 175 23.17 1.56 -6.24
C VAL B 175 23.09 3.08 -6.33
N SER B 176 23.72 3.64 -7.37
CA SER B 176 23.63 5.07 -7.63
C SER B 176 22.75 5.34 -8.84
N LEU B 177 21.64 6.05 -8.62
CA LEU B 177 20.67 6.41 -9.66
C LEU B 177 20.99 7.77 -10.22
N GLN B 178 21.29 7.82 -11.52
CA GLN B 178 21.69 9.07 -12.16
C GLN B 178 20.92 9.29 -13.45
N LYS B 179 20.22 10.41 -13.52
CA LYS B 179 19.45 10.76 -14.70
C LYS B 179 20.34 11.33 -15.79
N VAL B 180 20.18 10.82 -17.01
CA VAL B 180 20.85 11.35 -18.19
C VAL B 180 19.84 12.18 -18.99
N ASP B 181 20.01 13.49 -19.07
CA ASP B 181 19.06 14.32 -19.80
C ASP B 181 19.20 14.11 -21.31
N LYS B 182 18.19 14.58 -22.04
CA LYS B 182 18.10 14.39 -23.49
C LYS B 182 19.28 14.96 -24.26
N ASN B 183 19.84 16.06 -23.77
CA ASN B 183 20.99 16.68 -24.42
C ASN B 183 22.26 15.98 -23.95
N ILE B 184 22.72 15.01 -24.73
CA ILE B 184 23.87 14.20 -24.36
C ILE B 184 25.15 15.02 -24.27
N SER B 185 25.29 16.00 -25.16
CA SER B 185 26.46 16.86 -25.16
C SER B 185 26.55 17.64 -23.86
N HIS B 186 25.40 18.02 -23.33
CA HIS B 186 25.33 18.79 -22.09
C HIS B 186 25.63 17.95 -20.84
N VAL B 187 25.38 16.64 -20.92
CA VAL B 187 25.60 15.75 -19.77
C VAL B 187 27.01 15.78 -19.19
N PHE B 188 27.98 15.41 -20.01
CA PHE B 188 29.35 15.28 -19.55
C PHE B 188 30.07 16.62 -19.42
N THR B 189 29.78 17.55 -20.32
CA THR B 189 30.34 18.89 -20.24
C THR B 189 30.06 19.49 -18.86
N SER B 190 28.86 19.22 -18.34
CA SER B 190 28.48 19.73 -17.02
C SER B 190 29.38 19.19 -15.89
N LEU B 191 29.82 17.94 -16.02
CA LEU B 191 30.70 17.33 -15.02
C LEU B 191 32.08 17.98 -14.95
N PHE B 192 32.67 18.26 -16.12
CA PHE B 192 34.03 18.79 -16.18
C PHE B 192 34.11 20.22 -15.66
N THR B 193 32.97 20.90 -15.60
CA THR B 193 32.93 22.29 -15.15
C THR B 193 32.64 22.42 -13.66
N THR B 194 32.10 21.37 -13.06
CA THR B 194 31.67 21.41 -11.66
C THR B 194 32.52 20.57 -10.69
N MET B 195 33.43 19.74 -11.22
CA MET B 195 34.23 18.83 -10.39
C MET B 195 35.73 19.03 -10.53
N LYS B 196 36.43 18.92 -9.39
CA LYS B 196 37.88 18.94 -9.36
C LYS B 196 38.45 17.71 -10.06
N THR B 197 39.74 17.74 -10.36
CA THR B 197 40.40 16.65 -11.07
C THR B 197 40.28 15.34 -10.29
N GLU B 198 40.45 15.41 -8.97
CA GLU B 198 40.40 14.23 -8.12
C GLU B 198 38.98 13.67 -8.08
N GLU B 199 38.00 14.55 -7.91
CA GLU B 199 36.60 14.16 -7.87
C GLU B 199 36.16 13.49 -9.16
N LEU B 200 36.63 14.02 -10.29
CA LEU B 200 36.27 13.52 -11.59
C LEU B 200 36.93 12.17 -11.84
N ASN B 201 38.16 12.02 -11.36
CA ASN B 201 38.86 10.75 -11.47
C ASN B 201 38.20 9.67 -10.61
N ARG B 202 37.67 10.08 -9.47
CA ARG B 202 36.92 9.16 -8.63
C ARG B 202 35.62 8.77 -9.31
N TYR B 203 34.96 9.75 -9.93
CA TYR B 203 33.71 9.50 -10.65
C TYR B 203 33.94 8.48 -11.75
N ARG B 204 35.07 8.64 -12.44
CA ARG B 204 35.47 7.74 -13.53
C ARG B 204 35.54 6.29 -13.06
N ASP B 205 36.02 6.09 -11.83
CA ASP B 205 36.17 4.75 -11.27
C ASP B 205 34.82 4.14 -10.93
N THR B 206 33.88 4.96 -10.47
CA THR B 206 32.53 4.48 -10.17
C THR B 206 31.83 3.98 -11.44
N LEU B 207 32.24 4.48 -12.60
CA LEU B 207 31.61 4.12 -13.88
C LEU B 207 32.10 2.80 -14.48
N ARG B 208 32.94 2.08 -13.75
CA ARG B 208 33.45 0.80 -14.26
C ARG B 208 32.36 -0.27 -14.25
N ARG B 209 31.33 -0.05 -13.43
N ARG B 209 31.34 -0.05 -13.43
CA ARG B 209 30.18 -0.94 -13.36
CA ARG B 209 30.18 -0.94 -13.37
C ARG B 209 28.91 -0.11 -13.45
C ARG B 209 28.91 -0.10 -13.47
N ALA B 210 28.17 -0.26 -14.56
CA ALA B 210 26.96 0.52 -14.78
C ALA B 210 25.89 -0.24 -15.56
N ILE B 211 24.64 0.08 -15.25
CA ILE B 211 23.48 -0.38 -16.01
C ILE B 211 22.92 0.80 -16.81
N LEU B 212 22.58 0.55 -18.07
CA LEU B 212 22.02 1.57 -18.95
C LEU B 212 20.53 1.35 -19.19
N LEU B 213 19.70 2.13 -18.48
CA LEU B 213 18.26 2.16 -18.75
C LEU B 213 17.98 3.29 -19.73
N LEU B 214 18.44 3.10 -20.95
CA LEU B 214 18.37 4.11 -21.98
C LEU B 214 17.72 3.53 -23.23
N SER B 215 17.39 4.40 -24.18
CA SER B 215 16.98 3.94 -25.50
C SER B 215 18.22 3.42 -26.21
N PRO B 216 18.04 2.57 -27.23
CA PRO B 216 19.20 2.08 -27.97
C PRO B 216 20.08 3.20 -28.49
N GLN B 217 19.46 4.21 -29.08
CA GLN B 217 20.18 5.35 -29.64
C GLN B 217 20.78 6.24 -28.55
N GLY B 218 20.03 6.45 -27.47
CA GLY B 218 20.54 7.22 -26.35
C GLY B 218 21.77 6.56 -25.75
N ALA B 219 21.75 5.24 -25.70
CA ALA B 219 22.88 4.47 -25.18
C ALA B 219 24.10 4.61 -26.09
N HIS B 220 23.87 4.57 -27.40
CA HIS B 220 24.93 4.75 -28.38
C HIS B 220 25.61 6.11 -28.24
N SER B 221 24.79 7.16 -28.15
CA SER B 221 25.31 8.51 -27.97
C SER B 221 26.05 8.62 -26.64
N PHE B 222 25.49 7.98 -25.62
CA PHE B 222 26.06 8.03 -24.26
C PHE B 222 27.43 7.37 -24.23
N ILE B 223 27.55 6.21 -24.85
CA ILE B 223 28.82 5.50 -24.89
C ILE B 223 29.86 6.32 -25.64
N ASN B 224 29.50 6.83 -26.81
CA ASN B 224 30.42 7.65 -27.60
C ASN B 224 30.89 8.88 -26.83
N GLU B 225 29.98 9.55 -26.13
CA GLU B 225 30.35 10.74 -25.38
C GLU B 225 31.27 10.39 -24.23
N ALA B 226 31.07 9.22 -23.64
CA ALA B 226 31.88 8.75 -22.52
C ALA B 226 33.31 8.48 -22.97
N VAL B 227 33.45 7.85 -24.13
CA VAL B 227 34.75 7.51 -24.67
C VAL B 227 35.51 8.77 -25.09
N GLU B 228 34.81 9.69 -25.75
CA GLU B 228 35.42 10.92 -26.24
C GLU B 228 35.93 11.79 -25.09
N THR B 229 35.23 11.75 -23.95
CA THR B 229 35.62 12.54 -22.79
C THR B 229 36.51 11.76 -21.83
N ASN B 230 36.91 10.55 -22.23
CA ASN B 230 37.81 9.72 -21.44
C ASN B 230 37.26 9.35 -20.06
N LEU B 231 35.95 9.13 -19.97
CA LEU B 231 35.33 8.64 -18.75
C LEU B 231 35.03 7.15 -18.87
N ALA B 232 35.08 6.64 -20.10
CA ALA B 232 35.01 5.21 -20.33
C ALA B 232 36.39 4.62 -20.19
N SER B 233 36.47 3.30 -20.05
CA SER B 233 37.75 2.61 -19.98
C SER B 233 37.62 1.16 -20.41
N LYS B 234 38.77 0.55 -20.72
CA LYS B 234 38.84 -0.84 -21.13
C LYS B 234 38.40 -1.76 -19.98
N ASP B 235 38.64 -1.32 -18.76
CA ASP B 235 38.33 -2.09 -17.56
C ASP B 235 36.93 -1.76 -17.02
N SER B 236 35.94 -1.75 -17.90
CA SER B 236 34.56 -1.45 -17.49
C SER B 236 33.59 -2.49 -18.03
N HIS B 237 32.43 -2.56 -17.41
CA HIS B 237 31.36 -3.45 -17.84
C HIS B 237 29.99 -2.77 -17.72
N TRP B 238 29.41 -2.43 -18.86
CA TRP B 238 28.10 -1.77 -18.90
C TRP B 238 27.04 -2.72 -19.42
N VAL B 239 25.87 -2.67 -18.79
CA VAL B 239 24.76 -3.54 -19.13
C VAL B 239 23.59 -2.73 -19.69
N PHE B 240 23.29 -2.91 -20.96
CA PHE B 240 22.16 -2.25 -21.58
C PHE B 240 20.89 -3.05 -21.31
N VAL B 241 19.89 -2.39 -20.74
CA VAL B 241 18.64 -3.04 -20.34
C VAL B 241 17.41 -2.36 -20.95
N ASN B 242 16.73 -3.07 -21.84
CA ASN B 242 15.56 -2.54 -22.55
C ASN B 242 14.87 -3.70 -23.24
N GLU B 243 13.55 -3.80 -23.14
CA GLU B 243 12.83 -4.86 -23.83
C GLU B 243 13.09 -4.82 -25.32
N GLU B 244 13.29 -3.63 -25.86
CA GLU B 244 13.32 -3.44 -27.31
C GLU B 244 14.63 -2.81 -27.80
N ILE B 245 15.34 -3.60 -28.61
CA ILE B 245 16.51 -3.13 -29.32
C ILE B 245 16.77 -4.12 -30.46
N SER B 246 17.09 -3.58 -31.64
CA SER B 246 17.30 -4.41 -32.82
C SER B 246 18.73 -4.90 -32.90
N ASP B 247 18.99 -5.87 -33.77
CA ASP B 247 20.34 -6.41 -33.95
C ASP B 247 21.32 -5.35 -34.46
N PRO B 248 20.91 -4.56 -35.48
CA PRO B 248 21.80 -3.47 -35.88
C PRO B 248 22.10 -2.48 -34.75
N GLU B 249 21.11 -2.24 -33.89
CA GLU B 249 21.29 -1.33 -32.76
C GLU B 249 22.24 -1.90 -31.72
N ILE B 250 22.17 -3.22 -31.51
CA ILE B 250 23.10 -3.88 -30.60
C ILE B 250 24.53 -3.74 -31.10
N LEU B 251 24.71 -3.90 -32.40
CA LEU B 251 26.05 -3.81 -33.00
C LEU B 251 26.63 -2.41 -32.84
N ASP B 252 25.78 -1.40 -32.92
CA ASP B 252 26.23 -0.02 -32.73
C ASP B 252 26.79 0.20 -31.33
N LEU B 253 26.24 -0.51 -30.35
CA LEU B 253 26.70 -0.38 -28.96
C LEU B 253 28.10 -1.00 -28.79
N VAL B 254 28.27 -2.23 -29.27
CA VAL B 254 29.54 -2.93 -29.10
C VAL B 254 30.66 -2.32 -29.93
N HIS B 255 30.31 -1.78 -31.10
CA HIS B 255 31.29 -1.12 -31.95
C HIS B 255 31.82 0.15 -31.29
N SER B 256 31.01 0.75 -30.43
CA SER B 256 31.36 1.99 -29.76
C SER B 256 31.98 1.75 -28.39
N ALA B 257 31.67 0.61 -27.78
CA ALA B 257 32.09 0.31 -26.43
C ALA B 257 33.60 0.03 -26.33
N LEU B 258 34.21 0.54 -25.26
CA LEU B 258 35.63 0.31 -25.01
C LEU B 258 35.81 -0.94 -24.15
N GLY B 259 34.98 -1.06 -23.13
CA GLY B 259 35.02 -2.19 -22.22
C GLY B 259 34.05 -3.29 -22.63
N ARG B 260 33.63 -4.08 -21.65
CA ARG B 260 32.70 -5.18 -21.87
C ARG B 260 31.26 -4.67 -21.94
N MET B 261 30.45 -5.29 -22.79
CA MET B 261 29.03 -4.96 -22.94
C MET B 261 28.14 -6.17 -22.72
N THR B 262 27.00 -5.94 -22.06
CA THR B 262 25.94 -6.94 -21.97
C THR B 262 24.63 -6.30 -22.41
N VAL B 263 23.78 -7.10 -23.06
CA VAL B 263 22.49 -6.65 -23.52
C VAL B 263 21.41 -7.58 -23.02
N VAL B 264 20.39 -6.99 -22.40
CA VAL B 264 19.17 -7.71 -22.02
C VAL B 264 18.02 -7.18 -22.85
N ARG B 265 17.34 -8.08 -23.56
CA ARG B 265 16.21 -7.68 -24.38
C ARG B 265 15.19 -8.81 -24.50
N GLN B 266 13.97 -8.44 -24.85
CA GLN B 266 12.87 -9.39 -25.01
C GLN B 266 13.01 -10.16 -26.33
N ILE B 267 12.61 -11.43 -26.32
CA ILE B 267 12.57 -12.23 -27.54
C ILE B 267 11.25 -12.96 -27.68
N PHE B 268 10.97 -13.48 -28.88
CA PHE B 268 9.69 -14.13 -29.16
C PHE B 268 9.86 -15.43 -29.95
N PRO B 269 8.92 -16.38 -29.78
CA PRO B 269 9.00 -17.62 -30.58
C PRO B 269 8.73 -17.40 -32.07
N SER B 270 9.42 -18.16 -32.91
CA SER B 270 9.20 -18.14 -34.36
C SER B 270 8.07 -19.09 -34.76
N ALA B 271 7.11 -18.59 -35.53
CA ALA B 271 6.01 -19.42 -36.00
C ALA B 271 6.43 -20.18 -37.25
N HIS B 282 -0.38 -26.96 -47.53
CA HIS B 282 -0.48 -25.57 -47.97
C HIS B 282 -0.29 -24.61 -46.79
N ARG B 283 0.51 -23.58 -47.00
CA ARG B 283 0.81 -22.60 -45.96
C ARG B 283 -0.25 -21.50 -45.95
N ILE B 284 -0.67 -21.09 -44.76
CA ILE B 284 -1.74 -20.13 -44.62
C ILE B 284 -1.24 -18.73 -44.93
N SER B 285 -2.05 -17.96 -45.66
CA SER B 285 -1.73 -16.56 -45.93
C SER B 285 -2.11 -15.70 -44.73
N SER B 286 -1.11 -15.10 -44.09
CA SER B 286 -1.31 -14.30 -42.89
C SER B 286 0.03 -13.82 -42.37
N LEU B 287 0.01 -12.69 -41.68
CA LEU B 287 1.22 -12.15 -41.09
C LEU B 287 1.88 -13.14 -40.13
N LEU B 288 1.05 -13.95 -39.48
CA LEU B 288 1.53 -14.88 -38.45
C LEU B 288 2.22 -16.10 -39.04
N CYS B 289 1.70 -16.63 -40.14
CA CYS B 289 2.21 -17.88 -40.69
C CYS B 289 3.11 -17.63 -41.90
N ASP B 290 2.56 -17.03 -42.96
CA ASP B 290 3.37 -16.58 -44.08
C ASP B 290 3.73 -15.08 -43.95
N PRO B 291 4.87 -14.77 -43.30
CA PRO B 291 5.21 -13.35 -43.21
C PRO B 291 5.84 -12.84 -44.50
N GLN B 292 5.49 -11.63 -44.90
CA GLN B 292 6.12 -11.02 -46.07
C GLN B 292 7.60 -10.79 -45.72
N GLU B 293 8.48 -11.05 -46.67
CA GLU B 293 9.91 -10.90 -46.44
C GLU B 293 10.28 -9.48 -46.06
N GLY B 294 10.87 -9.33 -44.88
CA GLY B 294 11.35 -8.04 -44.42
C GLY B 294 10.27 -7.21 -43.73
N TYR B 295 9.08 -7.79 -43.56
CA TYR B 295 7.95 -7.04 -43.02
C TYR B 295 8.01 -7.00 -41.49
N LEU B 296 8.16 -8.15 -40.87
CA LEU B 296 8.22 -8.23 -39.41
C LEU B 296 9.42 -7.45 -38.86
N GLN B 297 10.43 -7.24 -39.70
CA GLN B 297 11.62 -6.50 -39.30
C GLN B 297 11.32 -5.04 -39.01
N MET B 298 10.29 -4.50 -39.66
CA MET B 298 9.92 -3.10 -39.52
C MET B 298 9.02 -2.83 -38.32
N LEU B 299 8.50 -3.90 -37.71
CA LEU B 299 7.55 -3.76 -36.61
C LEU B 299 8.22 -3.54 -35.26
N GLN B 300 7.54 -2.77 -34.41
CA GLN B 300 7.92 -2.64 -33.01
C GLN B 300 7.18 -3.68 -32.20
N ILE B 301 7.67 -3.94 -30.98
CA ILE B 301 7.07 -4.96 -30.12
C ILE B 301 5.58 -4.71 -29.90
N SER B 302 5.20 -3.45 -29.70
CA SER B 302 3.80 -3.13 -29.46
C SER B 302 2.93 -3.52 -30.65
N ASN B 303 3.49 -3.47 -31.86
CA ASN B 303 2.76 -3.90 -33.04
C ASN B 303 2.42 -5.38 -32.96
N LEU B 304 3.35 -6.16 -32.43
CA LEU B 304 3.13 -7.60 -32.28
C LEU B 304 1.99 -7.87 -31.31
N TYR B 305 1.99 -7.18 -30.18
CA TYR B 305 0.96 -7.37 -29.16
C TYR B 305 -0.39 -6.81 -29.62
N LEU B 306 -0.36 -5.80 -30.48
CA LEU B 306 -1.58 -5.25 -31.05
C LEU B 306 -2.25 -6.29 -31.94
N TYR B 307 -1.46 -6.95 -32.76
CA TYR B 307 -1.93 -8.01 -33.63
C TYR B 307 -2.57 -9.14 -32.82
N ASP B 308 -1.84 -9.62 -31.82
CA ASP B 308 -2.32 -10.72 -30.98
C ASP B 308 -3.55 -10.31 -30.18
N SER B 309 -3.67 -9.02 -29.88
CA SER B 309 -4.83 -8.53 -29.16
C SER B 309 -6.11 -8.75 -29.97
N VAL B 310 -6.02 -8.54 -31.28
CA VAL B 310 -7.16 -8.76 -32.16
C VAL B 310 -7.49 -10.25 -32.24
N LEU B 311 -6.45 -11.08 -32.25
CA LEU B 311 -6.65 -12.52 -32.23
C LEU B 311 -7.40 -12.90 -30.95
N MET B 312 -7.00 -12.29 -29.84
CA MET B 312 -7.61 -12.55 -28.55
C MET B 312 -9.09 -12.19 -28.55
N LEU B 313 -9.44 -11.08 -29.18
CA LEU B 313 -10.84 -10.64 -29.26
C LEU B 313 -11.68 -11.55 -30.14
N ALA B 314 -11.15 -11.92 -31.30
CA ALA B 314 -11.86 -12.82 -32.21
C ALA B 314 -12.16 -14.14 -31.52
N ASN B 315 -11.18 -14.67 -30.80
CA ASN B 315 -11.35 -15.90 -30.04
C ASN B 315 -12.44 -15.76 -29.00
N ALA B 316 -12.51 -14.58 -28.37
CA ALA B 316 -13.52 -14.31 -27.36
C ALA B 316 -14.91 -14.22 -27.97
N PHE B 317 -15.03 -13.57 -29.12
CA PHE B 317 -16.30 -13.44 -29.82
C PHE B 317 -16.80 -14.81 -30.29
N HIS B 318 -15.85 -15.66 -30.69
CA HIS B 318 -16.16 -17.02 -31.12
C HIS B 318 -16.86 -17.79 -30.00
N ARG B 319 -16.21 -17.84 -28.83
CA ARG B 319 -16.74 -18.59 -27.69
C ARG B 319 -18.05 -18.00 -27.20
N LYS B 320 -18.21 -16.68 -27.34
CA LYS B 320 -19.42 -16.02 -26.89
C LYS B 320 -20.63 -16.48 -27.69
N LEU B 321 -20.46 -16.63 -29.00
CA LEU B 321 -21.58 -16.93 -29.88
C LEU B 321 -21.94 -18.42 -29.85
N GLU B 322 -20.94 -19.28 -29.74
CA GLU B 322 -21.19 -20.72 -29.71
C GLU B 322 -22.00 -21.06 -28.46
N ASP B 323 -21.72 -20.36 -27.36
CA ASP B 323 -22.46 -20.52 -26.12
C ASP B 323 -23.80 -19.78 -26.16
N ARG B 324 -24.03 -19.04 -27.24
CA ARG B 324 -25.29 -18.33 -27.44
C ARG B 324 -25.58 -17.32 -26.31
N LYS B 325 -24.55 -16.96 -25.57
CA LYS B 325 -24.65 -15.96 -24.50
C LYS B 325 -24.32 -14.57 -25.03
N TRP B 326 -24.72 -14.29 -26.26
CA TRP B 326 -24.41 -13.00 -26.89
C TRP B 326 -25.22 -11.83 -26.35
N HIS B 327 -24.58 -10.67 -26.27
CA HIS B 327 -25.22 -9.41 -25.95
C HIS B 327 -24.92 -8.41 -27.07
N SER B 328 -25.95 -7.75 -27.59
CA SER B 328 -25.78 -6.79 -28.66
C SER B 328 -25.11 -5.53 -28.13
N MET B 329 -24.49 -4.76 -29.02
CA MET B 329 -23.81 -3.54 -28.60
C MET B 329 -24.84 -2.44 -28.32
N ALA B 330 -24.53 -1.56 -27.38
CA ALA B 330 -25.40 -0.45 -27.05
C ALA B 330 -24.81 0.90 -27.49
N SER B 331 -25.70 1.88 -27.68
CA SER B 331 -25.29 3.25 -27.94
C SER B 331 -25.09 3.95 -26.59
N LEU B 332 -23.84 4.30 -26.27
CA LEU B 332 -23.54 4.90 -24.97
C LEU B 332 -23.11 6.35 -25.13
N ASN B 333 -23.81 7.22 -24.40
CA ASN B 333 -23.56 8.65 -24.36
C ASN B 333 -22.83 9.13 -23.10
N CYS B 334 -21.68 9.78 -23.29
CA CYS B 334 -20.80 10.11 -22.17
C CYS B 334 -21.26 11.37 -21.45
N ILE B 335 -22.00 12.21 -22.17
CA ILE B 335 -22.50 13.47 -21.61
C ILE B 335 -23.59 13.34 -20.54
N ARG B 336 -24.50 12.38 -20.70
CA ARG B 336 -25.68 12.32 -19.81
C ARG B 336 -25.54 12.01 -18.32
N LYS B 337 -24.51 11.28 -17.90
CA LYS B 337 -24.41 10.79 -16.51
C LYS B 337 -25.52 9.79 -16.15
N SER B 338 -26.69 9.91 -16.79
CA SER B 338 -27.81 9.02 -16.54
C SER B 338 -27.69 7.79 -17.43
N THR B 339 -26.62 7.75 -18.23
CA THR B 339 -26.39 6.65 -19.16
C THR B 339 -25.98 5.42 -18.37
N LYS B 340 -26.59 4.29 -18.70
CA LYS B 340 -26.25 3.05 -18.03
C LYS B 340 -25.05 2.42 -18.74
N PRO B 341 -24.20 1.71 -17.99
CA PRO B 341 -23.10 0.97 -18.64
C PRO B 341 -23.60 -0.17 -19.51
N TRP B 342 -22.73 -0.68 -20.37
CA TRP B 342 -23.10 -1.73 -21.31
C TRP B 342 -23.39 -3.02 -20.57
N ASN B 343 -24.63 -3.50 -20.72
CA ASN B 343 -25.12 -4.68 -20.03
C ASN B 343 -24.30 -5.93 -20.38
N GLY B 344 -23.80 -5.98 -21.61
CA GLY B 344 -23.01 -7.11 -22.07
C GLY B 344 -21.53 -7.03 -21.68
N GLY B 345 -21.15 -5.96 -21.01
CA GLY B 345 -19.75 -5.70 -20.72
C GLY B 345 -19.06 -6.70 -19.83
N ARG B 346 -19.66 -7.03 -18.69
CA ARG B 346 -19.02 -7.96 -17.76
C ARG B 346 -18.79 -9.34 -18.33
N SER B 347 -19.81 -9.90 -18.98
CA SER B 347 -19.70 -11.24 -19.55
C SER B 347 -18.66 -11.27 -20.66
N MET B 348 -18.62 -10.20 -21.46
CA MET B 348 -17.64 -10.13 -22.55
C MET B 348 -16.23 -10.06 -21.97
N LEU B 349 -16.07 -9.26 -20.91
CA LEU B 349 -14.77 -9.15 -20.25
C LEU B 349 -14.34 -10.51 -19.69
N ASP B 350 -15.26 -11.18 -19.01
CA ASP B 350 -14.99 -12.49 -18.44
C ASP B 350 -14.61 -13.49 -19.52
N THR B 351 -15.30 -13.43 -20.66
CA THR B 351 -15.02 -14.32 -21.77
C THR B 351 -13.59 -14.13 -22.30
N ILE B 352 -13.17 -12.87 -22.39
CA ILE B 352 -11.84 -12.56 -22.90
C ILE B 352 -10.76 -13.06 -21.95
N LYS B 353 -10.99 -12.89 -20.66
CA LYS B 353 -10.00 -13.26 -19.65
C LYS B 353 -9.73 -14.77 -19.65
N LYS B 354 -10.77 -15.56 -19.90
CA LYS B 354 -10.64 -17.02 -19.94
C LYS B 354 -10.05 -17.48 -21.27
N GLY B 355 -9.84 -16.54 -22.18
CA GLY B 355 -9.34 -16.87 -23.51
C GLY B 355 -7.85 -17.16 -23.55
N HIS B 356 -7.43 -17.82 -24.62
CA HIS B 356 -6.03 -18.14 -24.86
C HIS B 356 -5.78 -18.31 -26.35
N ILE B 357 -4.69 -17.71 -26.83
CA ILE B 357 -4.30 -17.84 -28.24
C ILE B 357 -2.79 -17.88 -28.35
N THR B 358 -2.31 -18.33 -29.50
CA THR B 358 -0.89 -18.30 -29.81
C THR B 358 -0.68 -17.42 -31.04
N GLY B 359 0.11 -16.36 -30.87
CA GLY B 359 0.33 -15.38 -31.92
C GLY B 359 1.78 -15.04 -32.13
N LEU B 360 2.03 -13.82 -32.59
CA LEU B 360 3.38 -13.36 -32.90
C LEU B 360 4.26 -13.31 -31.66
N THR B 361 3.64 -13.09 -30.50
CA THR B 361 4.39 -12.99 -29.24
C THR B 361 4.42 -14.32 -28.50
N GLY B 362 3.82 -15.35 -29.09
CA GLY B 362 3.69 -16.64 -28.44
C GLY B 362 2.32 -16.75 -27.79
N VAL B 363 2.26 -17.42 -26.65
CA VAL B 363 1.00 -17.58 -25.95
C VAL B 363 0.57 -16.27 -25.31
N MET B 364 -0.70 -15.93 -25.49
CA MET B 364 -1.33 -14.82 -24.79
C MET B 364 -2.48 -15.35 -23.97
N GLU B 365 -2.52 -14.97 -22.70
CA GLU B 365 -3.62 -15.32 -21.82
C GLU B 365 -3.68 -14.32 -20.68
N PHE B 366 -4.71 -14.44 -19.84
CA PHE B 366 -4.88 -13.52 -18.71
C PHE B 366 -5.16 -14.24 -17.40
N ARG B 367 -4.34 -13.97 -16.40
CA ARG B 367 -4.55 -14.49 -15.06
C ARG B 367 -5.68 -13.71 -14.41
N GLU B 368 -5.97 -14.03 -13.14
CA GLU B 368 -7.03 -13.32 -12.42
C GLU B 368 -6.65 -11.86 -12.17
N ASP B 369 -5.36 -11.59 -12.02
CA ASP B 369 -4.89 -10.22 -11.84
C ASP B 369 -4.88 -9.44 -13.16
N SER B 370 -5.42 -10.07 -14.21
CA SER B 370 -5.65 -9.42 -15.49
C SER B 370 -4.35 -9.13 -16.22
N SER B 371 -3.31 -9.90 -15.91
CA SER B 371 -2.01 -9.71 -16.54
C SER B 371 -1.74 -10.83 -17.54
N ASN B 372 -1.06 -10.48 -18.63
CA ASN B 372 -0.53 -11.46 -19.55
C ASN B 372 0.84 -11.88 -19.05
N PRO B 373 0.94 -13.08 -18.46
CA PRO B 373 2.11 -13.35 -17.62
C PRO B 373 3.42 -13.65 -18.36
N TYR B 374 3.36 -14.27 -19.53
CA TYR B 374 4.60 -14.77 -20.12
C TYR B 374 5.46 -13.70 -20.78
N VAL B 375 6.76 -13.75 -20.48
CA VAL B 375 7.74 -12.92 -21.14
C VAL B 375 9.06 -13.67 -21.10
N GLN B 376 9.87 -13.49 -22.14
CA GLN B 376 11.18 -14.13 -22.22
C GLN B 376 12.23 -13.12 -22.70
N PHE B 377 13.39 -13.16 -22.05
CA PHE B 377 14.52 -12.30 -22.42
C PHE B 377 15.71 -13.16 -22.82
N GLU B 378 16.61 -12.58 -23.61
CA GLU B 378 17.91 -13.20 -23.86
C GLU B 378 18.99 -12.28 -23.32
N ILE B 379 20.12 -12.86 -22.94
CA ILE B 379 21.23 -12.10 -22.41
C ILE B 379 22.45 -12.31 -23.29
N LEU B 380 22.92 -11.21 -23.88
CA LEU B 380 24.04 -11.25 -24.80
C LEU B 380 25.25 -10.60 -24.12
N GLY B 381 26.45 -11.10 -24.40
CA GLY B 381 27.66 -10.60 -23.75
C GLY B 381 28.82 -10.29 -24.67
N THR B 382 29.66 -9.35 -24.23
CA THR B 382 30.83 -8.90 -24.97
C THR B 382 30.43 -8.30 -26.31
N GLY B 389 37.99 -10.41 -32.70
CA GLY B 389 36.89 -11.24 -32.23
C GLY B 389 36.35 -10.75 -30.90
N LYS B 390 35.92 -11.69 -30.07
CA LYS B 390 35.32 -11.40 -28.77
C LYS B 390 34.08 -10.53 -28.94
N ASP B 391 33.36 -10.77 -30.04
CA ASP B 391 32.13 -10.03 -30.35
C ASP B 391 30.90 -10.62 -29.65
N MET B 392 29.85 -9.82 -29.57
CA MET B 392 28.60 -10.20 -28.93
C MET B 392 28.10 -11.59 -29.34
N ARG B 393 27.68 -12.37 -28.35
CA ARG B 393 27.06 -13.67 -28.56
C ARG B 393 26.05 -13.98 -27.46
N LYS B 394 25.05 -14.80 -27.76
CA LYS B 394 24.03 -15.17 -26.78
C LYS B 394 24.63 -16.02 -25.65
N LEU B 395 24.45 -15.56 -24.42
CA LEU B 395 24.97 -16.26 -23.24
C LEU B 395 23.91 -17.04 -22.47
N ALA B 396 22.70 -16.48 -22.36
CA ALA B 396 21.65 -17.11 -21.58
C ALA B 396 20.28 -16.52 -21.89
N THR B 397 19.24 -17.16 -21.38
CA THR B 397 17.89 -16.64 -21.48
C THR B 397 17.22 -16.59 -20.11
N TRP B 398 16.18 -15.78 -20.00
CA TRP B 398 15.38 -15.70 -18.79
C TRP B 398 13.90 -15.64 -19.16
N ASP B 399 13.09 -16.46 -18.51
CA ASP B 399 11.65 -16.48 -18.77
C ASP B 399 10.89 -16.44 -17.44
N SER B 400 9.62 -16.08 -17.50
CA SER B 400 8.83 -15.85 -16.30
C SER B 400 8.29 -17.15 -15.67
N GLU B 401 8.54 -18.27 -16.32
CA GLU B 401 8.13 -19.58 -15.79
C GLU B 401 9.30 -20.31 -15.12
N LYS B 402 10.41 -20.42 -15.84
CA LYS B 402 11.56 -21.23 -15.38
C LYS B 402 12.74 -20.38 -14.93
N GLY B 403 12.69 -19.09 -15.19
CA GLY B 403 13.77 -18.19 -14.79
C GLY B 403 14.97 -18.32 -15.69
N LEU B 404 16.16 -18.21 -15.09
CA LEU B 404 17.40 -18.20 -15.83
C LEU B 404 17.77 -19.57 -16.41
N ASN B 405 18.25 -19.57 -17.65
CA ASN B 405 18.78 -20.78 -18.28
C ASN B 405 20.10 -20.47 -18.94
N GLY B 406 21.18 -21.04 -18.39
CA GLY B 406 22.53 -20.78 -18.83
C GLY B 406 23.26 -20.01 -17.75
N SER B 407 24.43 -19.45 -18.08
CA SER B 407 25.22 -18.72 -17.11
C SER B 407 26.19 -17.77 -17.82
N SER C 5 4.54 -32.30 -3.26
CA SER C 5 5.73 -32.54 -2.47
C SER C 5 6.12 -31.31 -1.66
N ILE C 6 5.14 -30.48 -1.33
CA ILE C 6 5.37 -29.28 -0.51
C ILE C 6 4.38 -29.24 0.65
N ILE C 7 4.85 -28.77 1.80
CA ILE C 7 4.00 -28.60 2.98
C ILE C 7 3.30 -27.26 3.02
N HIS C 8 1.98 -27.31 2.86
CA HIS C 8 1.13 -26.13 2.93
C HIS C 8 0.08 -26.28 4.03
N ILE C 9 0.02 -25.30 4.93
CA ILE C 9 -0.97 -25.28 5.98
C ILE C 9 -1.74 -23.96 5.96
N GLY C 10 -2.98 -23.99 6.41
CA GLY C 10 -3.82 -22.81 6.44
C GLY C 10 -3.97 -22.23 7.84
N ALA C 11 -4.17 -20.92 7.92
CA ALA C 11 -4.42 -20.25 9.20
C ALA C 11 -5.56 -19.24 9.09
N ILE C 12 -6.40 -19.20 10.13
CA ILE C 12 -7.45 -18.20 10.24
C ILE C 12 -7.40 -17.52 11.61
N PHE C 13 -7.31 -16.20 11.59
CA PHE C 13 -7.25 -15.42 12.84
C PHE C 13 -8.30 -14.34 12.87
N GLU C 14 -8.97 -14.18 14.02
CA GLU C 14 -9.88 -13.07 14.20
C GLU C 14 -9.08 -11.81 14.51
N GLU C 15 -9.62 -10.68 14.08
CA GLU C 15 -9.08 -9.39 14.49
C GLU C 15 -9.34 -9.17 15.98
N ASN C 16 -8.37 -8.56 16.70
CA ASN C 16 -7.12 -8.07 16.13
C ASN C 16 -6.13 -9.23 15.93
N ALA C 17 -5.64 -9.39 14.70
CA ALA C 17 -4.85 -10.55 14.31
C ALA C 17 -3.35 -10.30 14.20
N ALA C 18 -2.89 -9.11 14.57
CA ALA C 18 -1.51 -8.71 14.32
C ALA C 18 -0.51 -9.62 15.02
N LYS C 19 -0.71 -9.82 16.32
CA LYS C 19 0.16 -10.65 17.13
C LYS C 19 0.11 -12.13 16.72
N ASP C 20 -1.09 -12.64 16.44
CA ASP C 20 -1.23 -14.02 16.00
C ASP C 20 -0.52 -14.23 14.68
N ASP C 21 -0.69 -13.30 13.75
CA ASP C 21 0.01 -13.35 12.47
C ASP C 21 1.53 -13.44 12.68
N ARG C 22 2.07 -12.57 13.53
CA ARG C 22 3.51 -12.54 13.76
C ARG C 22 4.04 -13.81 14.44
N VAL C 23 3.37 -14.23 15.50
CA VAL C 23 3.83 -15.39 16.26
C VAL C 23 3.82 -16.63 15.37
N PHE C 24 2.77 -16.74 14.57
CA PHE C 24 2.64 -17.85 13.64
C PHE C 24 3.77 -17.91 12.61
N GLN C 25 4.08 -16.77 12.00
CA GLN C 25 5.12 -16.73 10.97
C GLN C 25 6.51 -16.91 11.58
N LEU C 26 6.68 -16.43 12.82
CA LEU C 26 7.95 -16.58 13.52
C LEU C 26 8.21 -18.05 13.86
N ALA C 27 7.16 -18.76 14.27
CA ALA C 27 7.25 -20.18 14.59
C ALA C 27 7.73 -20.95 13.37
N VAL C 28 7.06 -20.72 12.25
CA VAL C 28 7.45 -21.37 11.00
C VAL C 28 8.87 -20.99 10.62
N SER C 29 9.22 -19.73 10.84
CA SER C 29 10.54 -19.23 10.50
C SER C 29 11.63 -19.92 11.31
N ASP C 30 11.41 -20.05 12.61
CA ASP C 30 12.36 -20.71 13.49
C ASP C 30 12.61 -22.16 13.08
N LEU C 31 11.57 -22.82 12.59
CA LEU C 31 11.67 -24.20 12.12
C LEU C 31 12.55 -24.29 10.87
N SER C 32 12.40 -23.30 9.99
CA SER C 32 13.06 -23.28 8.69
C SER C 32 14.59 -23.19 8.82
N LEU C 33 15.08 -23.01 10.04
CA LEU C 33 16.52 -22.92 10.29
C LEU C 33 17.21 -24.25 10.02
N ASN C 34 16.47 -25.36 10.16
CA ASN C 34 17.03 -26.69 9.93
C ASN C 34 16.54 -27.26 8.59
N GLU C 41 10.64 -29.94 1.94
CA GLU C 41 11.30 -29.73 3.23
C GLU C 41 10.66 -28.62 4.05
N LYS C 42 10.43 -27.48 3.40
CA LYS C 42 9.97 -26.28 4.09
C LYS C 42 8.45 -26.19 4.14
N ILE C 43 7.96 -25.48 5.16
CA ILE C 43 6.54 -25.26 5.34
C ILE C 43 6.12 -23.94 4.73
N THR C 44 5.11 -24.00 3.87
CA THR C 44 4.51 -22.80 3.30
C THR C 44 3.14 -22.64 3.94
N TYR C 45 2.56 -21.46 3.83
CA TYR C 45 1.30 -21.20 4.49
C TYR C 45 0.53 -20.03 3.89
N SER C 46 -0.78 -20.02 4.16
CA SER C 46 -1.64 -18.88 3.84
C SER C 46 -2.43 -18.50 5.08
N ILE C 47 -2.36 -17.22 5.43
CA ILE C 47 -3.04 -16.69 6.61
C ILE C 47 -4.24 -15.88 6.16
N LYS C 48 -5.41 -16.18 6.74
CA LYS C 48 -6.62 -15.40 6.49
C LYS C 48 -7.04 -14.70 7.77
N VAL C 49 -7.44 -13.45 7.64
CA VAL C 49 -7.93 -12.66 8.76
C VAL C 49 -9.40 -12.39 8.56
N ILE C 50 -10.18 -12.63 9.61
CA ILE C 50 -11.62 -12.43 9.56
C ILE C 50 -12.04 -11.55 10.73
N GLU C 51 -13.22 -10.96 10.59
CA GLU C 51 -13.84 -10.21 11.66
C GLU C 51 -14.16 -11.12 12.83
N ALA C 52 -14.23 -10.55 14.03
CA ALA C 52 -14.63 -11.30 15.21
C ALA C 52 -16.13 -11.60 15.17
N ASN C 53 -16.53 -12.71 15.78
CA ASN C 53 -17.93 -13.10 15.82
C ASN C 53 -18.55 -13.18 14.43
N ASN C 54 -17.79 -13.71 13.48
CA ASN C 54 -18.28 -13.87 12.12
C ASN C 54 -18.00 -15.29 11.60
N PRO C 55 -18.81 -16.27 12.04
CA PRO C 55 -18.60 -17.66 11.63
C PRO C 55 -18.78 -17.87 10.12
N PHE C 56 -19.67 -17.12 9.48
CA PHE C 56 -19.84 -17.29 8.04
C PHE C 56 -18.57 -16.89 7.30
N GLN C 57 -17.97 -15.77 7.70
CA GLN C 57 -16.71 -15.36 7.08
C GLN C 57 -15.64 -16.41 7.30
N ALA C 58 -15.62 -16.99 8.50
CA ALA C 58 -14.67 -18.06 8.83
C ALA C 58 -14.81 -19.24 7.90
N VAL C 59 -16.05 -19.59 7.56
CA VAL C 59 -16.34 -20.70 6.66
C VAL C 59 -15.86 -20.36 5.25
N GLN C 60 -16.12 -19.13 4.82
CA GLN C 60 -15.68 -18.67 3.51
C GLN C 60 -14.17 -18.79 3.33
N GLU C 61 -13.42 -18.33 4.32
CA GLU C 61 -11.96 -18.34 4.24
C GLU C 61 -11.43 -19.77 4.34
N ALA C 62 -12.02 -20.56 5.23
CA ALA C 62 -11.58 -21.93 5.42
C ALA C 62 -11.79 -22.72 4.14
N CYS C 63 -12.92 -22.50 3.49
CA CYS C 63 -13.23 -23.19 2.25
C CYS C 63 -12.30 -22.75 1.11
N ASP C 64 -11.94 -21.47 1.08
CA ASP C 64 -10.98 -20.99 0.10
C ASP C 64 -9.61 -21.63 0.33
N LEU C 65 -9.19 -21.74 1.58
CA LEU C 65 -7.91 -22.36 1.92
C LEU C 65 -7.84 -23.82 1.51
N MET C 66 -8.96 -24.51 1.53
CA MET C 66 -8.98 -25.93 1.19
C MET C 66 -8.85 -26.15 -0.31
N THR C 67 -9.22 -25.17 -1.11
CA THR C 67 -8.98 -25.25 -2.55
C THR C 67 -7.49 -25.17 -2.84
N GLN C 68 -6.74 -24.59 -1.91
CA GLN C 68 -5.29 -24.48 -2.06
C GLN C 68 -4.59 -25.77 -1.64
N GLY C 69 -5.34 -26.72 -1.07
CA GLY C 69 -4.72 -27.95 -0.64
C GLY C 69 -3.86 -27.75 0.58
N ILE C 70 -4.47 -27.83 1.75
CA ILE C 70 -3.75 -27.69 3.02
C ILE C 70 -3.79 -29.03 3.75
N LEU C 71 -2.76 -29.27 4.56
CA LEU C 71 -2.63 -30.50 5.34
C LEU C 71 -3.26 -30.34 6.70
N ALA C 72 -3.45 -29.09 7.13
CA ALA C 72 -3.96 -28.79 8.45
C ALA C 72 -4.38 -27.33 8.53
N LEU C 73 -5.29 -27.06 9.46
CA LEU C 73 -5.79 -25.71 9.69
C LEU C 73 -5.54 -25.30 11.12
N VAL C 74 -4.84 -24.17 11.30
CA VAL C 74 -4.63 -23.59 12.61
C VAL C 74 -5.50 -22.36 12.75
N THR C 75 -6.27 -22.27 13.83
CA THR C 75 -7.16 -21.14 14.01
C THR C 75 -7.03 -20.55 15.39
N SER C 76 -7.32 -19.25 15.48
CA SER C 76 -7.40 -18.56 16.76
C SER C 76 -8.57 -17.60 16.71
N THR C 77 -9.66 -17.99 17.37
CA THR C 77 -10.92 -17.27 17.26
C THR C 77 -11.74 -17.39 18.55
N GLY C 78 -12.87 -16.71 18.59
CA GLY C 78 -13.84 -16.94 19.64
C GLY C 78 -14.63 -18.21 19.33
N CYS C 79 -15.63 -18.50 20.16
CA CYS C 79 -16.33 -19.78 20.09
C CYS C 79 -17.34 -19.89 18.94
N ALA C 80 -17.91 -18.76 18.52
CA ALA C 80 -18.89 -18.80 17.43
C ALA C 80 -18.24 -19.32 16.16
N SER C 81 -17.06 -18.80 15.84
CA SER C 81 -16.35 -19.25 14.65
C SER C 81 -15.73 -20.62 14.87
N ALA C 82 -15.32 -20.91 16.10
CA ALA C 82 -14.79 -22.23 16.44
C ALA C 82 -15.81 -23.32 16.16
N ASN C 83 -17.07 -23.06 16.54
CA ASN C 83 -18.14 -24.02 16.33
C ASN C 83 -18.36 -24.31 14.84
N ALA C 84 -18.41 -23.24 14.03
CA ALA C 84 -18.60 -23.41 12.60
C ALA C 84 -17.41 -24.11 11.95
N LEU C 85 -16.20 -23.75 12.35
CA LEU C 85 -15.01 -24.33 11.74
C LEU C 85 -14.80 -25.78 12.17
N GLN C 86 -15.18 -26.10 13.40
CA GLN C 86 -15.12 -27.47 13.87
C GLN C 86 -16.03 -28.35 13.01
N SER C 87 -17.24 -27.86 12.76
CA SER C 87 -18.20 -28.56 11.92
C SER C 87 -17.66 -28.74 10.51
N LEU C 88 -17.05 -27.69 9.98
CA LEU C 88 -16.51 -27.70 8.63
C LEU C 88 -15.38 -28.72 8.51
N THR C 89 -14.45 -28.66 9.45
CA THR C 89 -13.25 -29.51 9.38
C THR C 89 -13.59 -30.97 9.68
N ASP C 90 -14.60 -31.21 10.51
CA ASP C 90 -15.11 -32.56 10.71
C ASP C 90 -15.59 -33.14 9.39
N ALA C 91 -16.35 -32.35 8.65
CA ALA C 91 -16.92 -32.81 7.38
C ALA C 91 -15.85 -33.03 6.32
N MET C 92 -14.78 -32.23 6.34
CA MET C 92 -13.76 -32.30 5.30
C MET C 92 -12.55 -33.13 5.70
N HIS C 93 -12.52 -33.60 6.93
CA HIS C 93 -11.39 -34.37 7.45
C HIS C 93 -10.10 -33.56 7.33
N ILE C 94 -10.16 -32.30 7.76
CA ILE C 94 -8.98 -31.46 7.82
C ILE C 94 -8.59 -31.32 9.28
N PRO C 95 -7.39 -31.80 9.65
CA PRO C 95 -6.94 -31.60 11.03
C PRO C 95 -7.00 -30.13 11.44
N HIS C 96 -7.55 -29.88 12.62
CA HIS C 96 -7.86 -28.52 13.05
C HIS C 96 -7.31 -28.22 14.43
N LEU C 97 -6.23 -27.45 14.49
CA LEU C 97 -5.68 -27.00 15.77
C LEU C 97 -6.28 -25.65 16.12
N PHE C 98 -7.10 -25.65 17.16
CA PHE C 98 -7.85 -24.47 17.56
C PHE C 98 -7.27 -23.82 18.82
N VAL C 99 -6.90 -22.55 18.70
CA VAL C 99 -6.39 -21.79 19.84
C VAL C 99 -7.46 -20.80 20.29
N GLN C 100 -8.12 -21.11 21.40
CA GLN C 100 -9.24 -20.31 21.86
C GLN C 100 -8.78 -18.92 22.31
N ARG C 101 -9.47 -17.90 21.83
CA ARG C 101 -9.16 -16.52 22.18
C ARG C 101 -9.64 -16.17 23.58
N ASN C 102 -8.93 -15.25 24.20
CA ASN C 102 -9.38 -14.58 25.41
C ASN C 102 -10.60 -13.73 25.06
N PRO C 103 -11.75 -13.94 25.73
CA PRO C 103 -12.95 -13.19 25.38
C PRO C 103 -13.01 -11.78 25.98
N GLY C 104 -12.32 -10.83 25.35
CA GLY C 104 -12.33 -9.45 25.82
C GLY C 104 -11.70 -9.28 27.21
N GLY C 105 -10.84 -10.23 27.58
CA GLY C 105 -10.17 -10.20 28.87
C GLY C 105 -10.88 -10.99 29.94
N SER C 106 -12.14 -11.35 29.69
CA SER C 106 -12.95 -12.07 30.67
C SER C 106 -12.44 -13.49 30.85
N PRO C 107 -12.80 -14.14 31.97
CA PRO C 107 -12.40 -15.53 32.19
C PRO C 107 -12.90 -16.47 31.10
N ARG C 108 -12.06 -17.43 30.73
CA ARG C 108 -12.34 -18.34 29.62
C ARG C 108 -13.26 -19.48 30.03
N THR C 109 -14.18 -19.83 29.13
CA THR C 109 -14.96 -21.06 29.22
C THR C 109 -14.75 -21.82 27.91
N ALA C 110 -14.49 -23.12 27.99
CA ALA C 110 -14.28 -23.92 26.79
C ALA C 110 -15.48 -23.81 25.86
N CYS C 111 -15.20 -23.76 24.55
CA CYS C 111 -16.26 -23.59 23.57
C CYS C 111 -17.18 -24.80 23.52
N HIS C 112 -18.46 -24.55 23.32
CA HIS C 112 -19.42 -25.62 23.13
C HIS C 112 -19.37 -26.07 21.68
N LEU C 113 -18.73 -27.22 21.47
CA LEU C 113 -18.56 -27.75 20.12
C LEU C 113 -19.66 -28.75 19.80
N ASN C 114 -19.82 -29.04 18.52
CA ASN C 114 -20.82 -29.99 18.07
C ASN C 114 -20.36 -31.44 18.22
N PRO C 115 -21.32 -32.37 18.32
CA PRO C 115 -20.97 -33.79 18.27
C PRO C 115 -20.24 -34.16 16.98
N SER C 116 -19.29 -35.07 17.06
CA SER C 116 -18.56 -35.54 15.88
C SER C 116 -18.94 -36.99 15.60
N PRO C 117 -18.92 -37.39 14.32
CA PRO C 117 -19.08 -38.82 14.04
C PRO C 117 -17.98 -39.60 14.75
N ASP C 118 -18.30 -40.81 15.21
CA ASP C 118 -17.37 -41.59 16.02
C ASP C 118 -16.03 -41.81 15.29
N GLY C 119 -14.95 -41.38 15.93
CA GLY C 119 -13.62 -41.55 15.38
C GLY C 119 -13.31 -40.61 14.24
N GLU C 120 -14.12 -39.55 14.10
CA GLU C 120 -13.91 -38.55 13.06
C GLU C 120 -14.07 -37.13 13.63
N ALA C 121 -13.45 -36.91 14.79
CA ALA C 121 -13.39 -35.59 15.42
C ALA C 121 -12.05 -34.94 15.10
N TYR C 122 -12.07 -33.90 14.28
CA TYR C 122 -10.85 -33.34 13.71
C TYR C 122 -10.32 -32.09 14.41
N THR C 123 -11.04 -31.59 15.41
CA THR C 123 -10.61 -30.41 16.15
C THR C 123 -9.80 -30.78 17.41
N LEU C 124 -8.60 -30.23 17.49
CA LEU C 124 -7.77 -30.37 18.68
C LEU C 124 -7.65 -29.01 19.35
N ALA C 125 -8.13 -28.91 20.58
CA ALA C 125 -8.05 -27.68 21.33
C ALA C 125 -6.65 -27.59 21.93
N SER C 126 -5.92 -26.55 21.55
CA SER C 126 -4.53 -26.43 21.94
C SER C 126 -4.40 -26.02 23.39
N ARG C 127 -5.30 -25.15 23.85
CA ARG C 127 -5.31 -24.72 25.24
C ARG C 127 -5.95 -25.79 26.10
N PRO C 128 -5.39 -26.01 27.31
CA PRO C 128 -5.94 -27.07 28.16
C PRO C 128 -7.36 -26.79 28.61
N PRO C 129 -8.07 -27.82 29.10
CA PRO C 129 -9.39 -27.58 29.69
C PRO C 129 -9.30 -26.55 30.80
N VAL C 130 -10.35 -25.77 31.02
CA VAL C 130 -10.35 -24.79 32.10
C VAL C 130 -10.46 -25.53 33.42
N ARG C 131 -9.44 -25.39 34.26
CA ARG C 131 -9.39 -26.10 35.54
C ARG C 131 -9.51 -25.13 36.72
N LEU C 132 -9.99 -23.92 36.46
CA LEU C 132 -10.14 -22.92 37.49
C LEU C 132 -11.18 -23.32 38.52
N ASN C 133 -12.15 -24.12 38.12
CA ASN C 133 -13.17 -24.61 39.05
C ASN C 133 -12.56 -25.40 40.19
N ASP C 134 -11.59 -26.25 39.87
CA ASP C 134 -10.91 -27.07 40.86
C ASP C 134 -10.18 -26.21 41.87
N VAL C 135 -9.48 -25.19 41.39
CA VAL C 135 -8.73 -24.30 42.27
C VAL C 135 -9.67 -23.54 43.19
N MET C 136 -10.79 -23.08 42.64
CA MET C 136 -11.78 -22.36 43.41
C MET C 136 -12.39 -23.26 44.48
N LEU C 137 -12.62 -24.52 44.14
CA LEU C 137 -13.21 -25.48 45.08
C LEU C 137 -12.30 -25.70 46.28
N ARG C 138 -11.05 -26.03 46.00
CA ARG C 138 -10.06 -26.22 47.06
C ARG C 138 -9.95 -24.95 47.91
N LEU C 139 -10.04 -23.80 47.26
CA LEU C 139 -9.83 -22.54 47.94
C LEU C 139 -10.95 -22.20 48.93
N VAL C 140 -12.19 -22.33 48.50
CA VAL C 140 -13.32 -21.97 49.36
C VAL C 140 -13.44 -22.95 50.53
N THR C 141 -12.98 -24.19 50.33
CA THR C 141 -13.00 -25.19 51.39
C THR C 141 -11.91 -24.92 52.43
N GLU C 142 -10.72 -24.56 51.96
CA GLU C 142 -9.61 -24.23 52.85
C GLU C 142 -9.90 -22.98 53.69
N LEU C 143 -10.52 -21.97 53.07
CA LEU C 143 -10.88 -20.73 53.79
C LEU C 143 -12.15 -20.88 54.62
N ARG C 144 -12.76 -22.06 54.58
CA ARG C 144 -13.98 -22.33 55.34
C ARG C 144 -15.11 -21.36 55.03
N TRP C 145 -15.30 -21.05 53.75
CA TRP C 145 -16.42 -20.24 53.32
C TRP C 145 -17.69 -21.09 53.25
N GLN C 146 -18.76 -20.59 53.86
CA GLN C 146 -20.07 -21.27 53.81
C GLN C 146 -21.00 -20.54 52.86
N LYS C 147 -20.94 -19.21 52.88
CA LYS C 147 -21.75 -18.38 52.00
C LYS C 147 -20.86 -17.36 51.31
N PHE C 148 -21.04 -17.18 50.00
CA PHE C 148 -20.29 -16.19 49.26
C PHE C 148 -20.94 -15.90 47.91
N VAL C 149 -20.60 -14.75 47.34
CA VAL C 149 -21.13 -14.33 46.04
C VAL C 149 -20.06 -14.52 44.96
N MET C 150 -20.50 -14.89 43.76
CA MET C 150 -19.62 -14.94 42.59
C MET C 150 -20.08 -13.93 41.55
N PHE C 151 -19.27 -12.90 41.35
CA PHE C 151 -19.54 -11.89 40.33
C PHE C 151 -18.90 -12.27 39.00
N TYR C 152 -19.67 -12.14 37.92
CA TYR C 152 -19.16 -12.37 36.58
C TYR C 152 -19.64 -11.28 35.63
N ASP C 153 -18.81 -10.95 34.63
CA ASP C 153 -19.14 -9.86 33.72
C ASP C 153 -20.00 -10.35 32.56
N SER C 154 -20.30 -9.43 31.64
CA SER C 154 -21.27 -9.70 30.57
C SER C 154 -20.76 -10.65 29.47
N GLU C 155 -19.47 -10.94 29.47
CA GLU C 155 -18.89 -11.81 28.46
C GLU C 155 -18.66 -13.24 28.97
N TYR C 156 -18.69 -13.42 30.29
CA TYR C 156 -18.40 -14.74 30.86
C TYR C 156 -19.55 -15.73 30.63
N ASP C 157 -19.18 -16.95 30.28
CA ASP C 157 -20.13 -18.03 30.02
C ASP C 157 -20.26 -18.88 31.29
N ILE C 158 -21.37 -18.70 32.00
CA ILE C 158 -21.52 -19.31 33.32
C ILE C 158 -21.66 -20.84 33.26
N ARG C 159 -21.82 -21.37 32.05
CA ARG C 159 -21.81 -22.83 31.86
C ARG C 159 -20.49 -23.43 32.31
N GLY C 160 -19.44 -22.60 32.32
CA GLY C 160 -18.12 -23.05 32.74
C GLY C 160 -18.05 -23.37 34.22
N LEU C 161 -19.06 -22.94 34.98
CA LEU C 161 -19.09 -23.16 36.42
C LEU C 161 -19.75 -24.48 36.81
N GLN C 162 -20.13 -25.27 35.80
CA GLN C 162 -20.93 -26.48 36.01
C GLN C 162 -20.38 -27.37 37.12
N SER C 163 -19.11 -27.77 37.01
CA SER C 163 -18.53 -28.69 37.99
C SER C 163 -18.35 -28.06 39.36
N PHE C 164 -18.09 -26.75 39.39
CA PHE C 164 -17.95 -26.02 40.65
C PHE C 164 -19.27 -25.93 41.40
N LEU C 165 -20.34 -25.62 40.66
CA LEU C 165 -21.67 -25.46 41.25
C LEU C 165 -22.22 -26.78 41.78
N ASP C 166 -21.97 -27.87 41.04
CA ASP C 166 -22.43 -29.19 41.48
C ASP C 166 -21.75 -29.55 42.80
N GLN C 167 -20.44 -29.39 42.84
CA GLN C 167 -19.67 -29.72 44.04
C GLN C 167 -20.04 -28.81 45.20
N ALA C 168 -20.23 -27.53 44.90
CA ALA C 168 -20.62 -26.56 45.93
C ALA C 168 -21.95 -26.94 46.56
N SER C 169 -22.86 -27.47 45.75
CA SER C 169 -24.15 -27.93 46.24
C SER C 169 -23.99 -29.14 47.16
N ARG C 170 -23.14 -30.08 46.76
CA ARG C 170 -22.89 -31.27 47.55
C ARG C 170 -22.30 -30.94 48.92
N LEU C 171 -21.49 -29.88 48.97
CA LEU C 171 -20.86 -29.48 50.21
C LEU C 171 -21.79 -28.58 51.03
N GLY C 172 -22.95 -28.27 50.47
CA GLY C 172 -23.94 -27.47 51.16
C GLY C 172 -23.57 -26.00 51.25
N LEU C 173 -22.71 -25.54 50.34
CA LEU C 173 -22.33 -24.14 50.30
C LEU C 173 -23.46 -23.33 49.68
N ASP C 174 -23.58 -22.07 50.09
CA ASP C 174 -24.58 -21.16 49.53
C ASP C 174 -23.91 -20.13 48.62
N VAL C 175 -24.10 -20.31 47.32
CA VAL C 175 -23.47 -19.47 46.30
C VAL C 175 -24.51 -18.58 45.63
N SER C 176 -24.23 -17.28 45.59
CA SER C 176 -25.07 -16.30 44.90
C SER C 176 -24.38 -15.83 43.63
N LEU C 177 -25.00 -16.11 42.49
CA LEU C 177 -24.46 -15.74 41.18
C LEU C 177 -25.04 -14.42 40.67
N GLN C 178 -24.19 -13.40 40.48
CA GLN C 178 -24.64 -12.08 40.03
C GLN C 178 -23.83 -11.54 38.85
N LYS C 179 -24.54 -11.20 37.78
CA LYS C 179 -23.93 -10.63 36.59
C LYS C 179 -23.59 -9.16 36.80
N VAL C 180 -22.39 -8.76 36.41
CA VAL C 180 -21.98 -7.36 36.43
C VAL C 180 -22.03 -6.77 35.01
N ASP C 181 -22.95 -5.83 34.78
CA ASP C 181 -23.08 -5.20 33.47
C ASP C 181 -21.88 -4.30 33.18
N LYS C 182 -21.69 -3.97 31.90
CA LYS C 182 -20.53 -3.21 31.47
C LYS C 182 -20.51 -1.78 32.04
N ASN C 183 -21.69 -1.19 32.21
CA ASN C 183 -21.81 0.18 32.69
C ASN C 183 -21.71 0.27 34.21
N ILE C 184 -20.52 0.61 34.69
CA ILE C 184 -20.25 0.68 36.12
C ILE C 184 -21.13 1.74 36.80
N SER C 185 -21.38 2.83 36.08
CA SER C 185 -22.23 3.90 36.58
C SER C 185 -23.65 3.37 36.81
N HIS C 186 -24.09 2.51 35.92
CA HIS C 186 -25.41 1.91 36.01
C HIS C 186 -25.44 0.87 37.13
N VAL C 187 -24.28 0.26 37.39
CA VAL C 187 -24.15 -0.74 38.45
C VAL C 187 -24.57 -0.15 39.79
N PHE C 188 -23.93 0.95 40.17
CA PHE C 188 -24.18 1.59 41.46
C PHE C 188 -25.50 2.35 41.44
N ARG C 204 -24.76 -5.65 52.11
CA ARG C 204 -23.38 -5.20 52.35
C ARG C 204 -22.59 -6.29 53.08
N ASP C 205 -23.25 -6.97 54.01
CA ASP C 205 -22.60 -8.02 54.79
C ASP C 205 -22.33 -9.26 53.95
N THR C 206 -23.23 -9.57 53.02
CA THR C 206 -23.08 -10.71 52.14
C THR C 206 -21.87 -10.58 51.21
N LEU C 207 -21.44 -9.34 50.97
CA LEU C 207 -20.32 -9.07 50.06
C LEU C 207 -18.95 -9.22 50.72
N ARG C 208 -18.92 -9.68 51.97
CA ARG C 208 -17.66 -9.84 52.70
C ARG C 208 -16.82 -10.98 52.14
N ARG C 209 -17.47 -11.92 51.47
CA ARG C 209 -16.80 -13.03 50.79
C ARG C 209 -17.29 -13.14 49.36
N ALA C 210 -16.40 -12.87 48.40
CA ALA C 210 -16.78 -12.86 47.00
C ALA C 210 -15.69 -13.37 46.05
N ILE C 211 -16.13 -13.98 44.95
CA ILE C 211 -15.24 -14.37 43.85
C ILE C 211 -15.49 -13.47 42.64
N LEU C 212 -14.42 -12.99 42.02
CA LEU C 212 -14.51 -12.12 40.84
C LEU C 212 -14.11 -12.84 39.55
N LEU C 213 -15.12 -13.23 38.77
CA LEU C 213 -14.90 -13.79 37.44
C LEU C 213 -15.01 -12.67 36.40
N LEU C 214 -14.04 -11.75 36.44
CA LEU C 214 -14.07 -10.55 35.61
C LEU C 214 -12.79 -10.39 34.82
N SER C 215 -12.79 -9.44 33.90
CA SER C 215 -11.55 -9.05 33.23
C SER C 215 -10.72 -8.24 34.21
N PRO C 216 -9.40 -8.16 33.97
CA PRO C 216 -8.54 -7.36 34.86
C PRO C 216 -9.04 -5.93 35.03
N GLN C 217 -9.38 -5.26 33.94
CA GLN C 217 -9.85 -3.88 33.99
C GLN C 217 -11.25 -3.81 34.62
N GLY C 218 -12.10 -4.77 34.29
CA GLY C 218 -13.44 -4.82 34.85
C GLY C 218 -13.41 -4.96 36.35
N ALA C 219 -12.49 -5.78 36.85
CA ALA C 219 -12.33 -5.97 38.29
C ALA C 219 -11.84 -4.67 38.96
N HIS C 220 -10.91 -3.98 38.29
CA HIS C 220 -10.40 -2.72 38.80
C HIS C 220 -11.51 -1.69 38.95
N SER C 221 -12.32 -1.54 37.91
CA SER C 221 -13.45 -0.63 37.94
C SER C 221 -14.46 -1.05 39.00
N PHE C 222 -14.67 -2.37 39.11
CA PHE C 222 -15.63 -2.92 40.05
C PHE C 222 -15.26 -2.61 41.51
N ILE C 223 -13.98 -2.79 41.84
CA ILE C 223 -13.50 -2.51 43.19
C ILE C 223 -13.63 -1.03 43.52
N ASN C 224 -13.18 -0.17 42.60
CA ASN C 224 -13.27 1.27 42.78
C ASN C 224 -14.71 1.71 43.00
N GLU C 225 -15.63 1.11 42.26
CA GLU C 225 -17.04 1.44 42.40
C GLU C 225 -17.57 1.01 43.77
N ALA C 226 -17.05 -0.09 44.28
CA ALA C 226 -17.50 -0.63 45.57
C ALA C 226 -17.08 0.28 46.73
N VAL C 227 -15.83 0.74 46.74
CA VAL C 227 -15.34 1.60 47.80
C VAL C 227 -16.00 2.99 47.75
N GLU C 228 -16.13 3.53 46.54
CA GLU C 228 -16.70 4.87 46.36
C GLU C 228 -18.15 4.90 46.82
N THR C 229 -18.86 3.78 46.67
CA THR C 229 -20.25 3.69 47.08
C THR C 229 -20.38 3.17 48.52
N ASN C 230 -19.24 3.00 49.18
CA ASN C 230 -19.21 2.59 50.59
C ASN C 230 -19.85 1.22 50.78
N LEU C 231 -19.65 0.33 49.80
CA LEU C 231 -20.14 -1.04 49.88
C LEU C 231 -19.03 -2.02 50.21
N ALA C 232 -17.78 -1.58 50.04
CA ALA C 232 -16.62 -2.37 50.45
C ALA C 232 -16.27 -2.13 51.91
N SER C 233 -15.48 -3.03 52.48
CA SER C 233 -15.00 -2.87 53.85
C SER C 233 -13.70 -3.64 54.08
N LYS C 234 -12.98 -3.28 55.13
CA LYS C 234 -11.74 -3.95 55.49
C LYS C 234 -11.96 -5.40 55.90
N ASP C 235 -13.14 -5.70 56.44
CA ASP C 235 -13.45 -7.05 56.89
C ASP C 235 -14.08 -7.86 55.76
N SER C 236 -13.47 -7.79 54.58
CA SER C 236 -13.93 -8.51 53.40
C SER C 236 -12.77 -9.24 52.74
N HIS C 237 -13.09 -10.25 51.94
CA HIS C 237 -12.06 -11.00 51.22
C HIS C 237 -12.54 -11.38 49.82
N TRP C 238 -11.94 -10.74 48.81
CA TRP C 238 -12.31 -10.98 47.41
C TRP C 238 -11.23 -11.76 46.65
N VAL C 239 -11.67 -12.73 45.84
CA VAL C 239 -10.78 -13.59 45.08
C VAL C 239 -10.95 -13.37 43.58
N PHE C 240 -9.94 -12.83 42.92
CA PHE C 240 -9.95 -12.64 41.47
C PHE C 240 -9.53 -13.93 40.77
N VAL C 241 -10.37 -14.42 39.87
CA VAL C 241 -10.14 -15.70 39.18
C VAL C 241 -10.16 -15.53 37.67
N ASN C 242 -9.00 -15.72 37.05
CA ASN C 242 -8.82 -15.56 35.63
C ASN C 242 -7.47 -16.12 35.21
N GLU C 243 -7.44 -16.93 34.14
CA GLU C 243 -6.17 -17.49 33.67
C GLU C 243 -5.16 -16.40 33.34
N GLU C 244 -5.65 -15.26 32.89
CA GLU C 244 -4.79 -14.22 32.33
C GLU C 244 -4.96 -12.89 33.04
N ILE C 245 -3.87 -12.42 33.65
CA ILE C 245 -3.79 -11.08 34.21
C ILE C 245 -2.33 -10.75 34.45
N SER C 246 -1.92 -9.53 34.10
CA SER C 246 -0.52 -9.14 34.21
C SER C 246 -0.20 -8.63 35.60
N ASP C 247 1.09 -8.51 35.92
CA ASP C 247 1.52 -8.03 37.22
C ASP C 247 1.06 -6.58 37.48
N PRO C 248 1.24 -5.68 36.50
CA PRO C 248 0.72 -4.33 36.69
C PRO C 248 -0.78 -4.29 36.97
N GLU C 249 -1.54 -5.20 36.34
CA GLU C 249 -2.98 -5.26 36.53
C GLU C 249 -3.35 -5.76 37.92
N ILE C 250 -2.56 -6.70 38.44
CA ILE C 250 -2.75 -7.20 39.80
C ILE C 250 -2.52 -6.09 40.82
N LEU C 251 -1.50 -5.27 40.59
CA LEU C 251 -1.16 -4.19 41.52
C LEU C 251 -2.28 -3.16 41.57
N ASP C 252 -2.93 -2.94 40.42
CA ASP C 252 -4.06 -2.01 40.35
C ASP C 252 -5.21 -2.49 41.24
N LEU C 253 -5.36 -3.81 41.36
CA LEU C 253 -6.43 -4.37 42.18
C LEU C 253 -6.19 -4.15 43.67
N VAL C 254 -4.97 -4.44 44.13
CA VAL C 254 -4.66 -4.32 45.56
C VAL C 254 -4.60 -2.87 46.01
N HIS C 255 -4.17 -1.99 45.10
CA HIS C 255 -4.10 -0.57 45.40
C HIS C 255 -5.49 0.02 45.62
N SER C 256 -6.50 -0.60 44.99
CA SER C 256 -7.88 -0.12 45.09
C SER C 256 -8.66 -0.84 46.18
N ALA C 257 -8.27 -2.08 46.47
CA ALA C 257 -9.00 -2.91 47.42
C ALA C 257 -8.82 -2.42 48.86
N LEU C 258 -9.90 -2.47 49.64
CA LEU C 258 -9.87 -2.10 51.04
C LEU C 258 -9.57 -3.31 51.92
N GLY C 259 -10.20 -4.44 51.61
CA GLY C 259 -10.01 -5.65 52.37
C GLY C 259 -8.90 -6.52 51.80
N ARG C 260 -8.95 -7.80 52.09
CA ARG C 260 -7.93 -8.73 51.63
C ARG C 260 -8.21 -9.16 50.18
N MET C 261 -7.14 -9.33 49.40
CA MET C 261 -7.25 -9.76 48.01
C MET C 261 -6.50 -11.06 47.75
N THR C 262 -7.09 -11.92 46.91
CA THR C 262 -6.42 -13.11 46.40
C THR C 262 -6.52 -13.14 44.87
N VAL C 263 -5.47 -13.64 44.23
CA VAL C 263 -5.44 -13.75 42.77
C VAL C 263 -5.08 -15.17 42.34
N VAL C 264 -5.89 -15.72 41.45
CA VAL C 264 -5.61 -17.01 40.81
C VAL C 264 -5.37 -16.78 39.31
N ARG C 265 -4.22 -17.22 38.81
CA ARG C 265 -3.91 -17.08 37.40
C ARG C 265 -2.98 -18.18 36.90
N GLN C 266 -2.97 -18.39 35.59
CA GLN C 266 -2.16 -19.42 34.98
C GLN C 266 -0.68 -19.02 34.90
N ILE C 267 0.20 -20.01 35.05
CA ILE C 267 1.64 -19.81 34.89
C ILE C 267 2.24 -20.90 34.00
N PHE C 268 3.48 -20.69 33.57
CA PHE C 268 4.16 -21.62 32.68
C PHE C 268 5.59 -21.87 33.18
N PRO C 269 6.16 -23.02 32.83
CA PRO C 269 7.55 -23.27 33.26
C PRO C 269 8.53 -22.30 32.62
N SER C 270 9.58 -21.92 33.35
CA SER C 270 10.61 -21.04 32.84
C SER C 270 11.63 -21.81 32.02
N GLN C 275 18.04 -22.75 29.15
CA GLN C 275 17.92 -21.43 28.54
C GLN C 275 16.50 -21.10 28.08
N LYS C 276 16.19 -19.82 28.22
CA LYS C 276 14.90 -19.24 27.86
C LYS C 276 14.52 -19.42 26.39
N CYS C 277 15.50 -19.29 25.51
CA CYS C 277 15.26 -19.31 24.07
C CYS C 277 15.54 -20.66 23.43
N MET C 278 15.64 -21.71 24.26
CA MET C 278 15.89 -23.04 23.75
C MET C 278 14.86 -24.05 24.27
N ARG C 279 14.38 -24.89 23.37
CA ARG C 279 13.58 -26.04 23.75
C ARG C 279 14.14 -27.20 22.94
N ASN C 280 14.59 -28.25 23.63
CA ASN C 280 15.28 -29.36 22.98
C ASN C 280 16.37 -28.84 22.05
N ASN C 281 16.23 -29.08 20.75
CA ASN C 281 17.22 -28.68 19.76
C ASN C 281 16.69 -27.61 18.81
N HIS C 282 15.65 -26.90 19.23
CA HIS C 282 15.02 -25.87 18.40
C HIS C 282 15.08 -24.51 19.10
N ARG C 283 15.56 -23.50 18.39
CA ARG C 283 15.72 -22.17 18.97
C ARG C 283 14.53 -21.24 18.69
N ILE C 284 14.06 -20.56 19.73
CA ILE C 284 12.94 -19.62 19.66
C ILE C 284 13.42 -18.26 19.18
N SER C 285 12.54 -17.53 18.49
CA SER C 285 12.86 -16.18 18.03
C SER C 285 12.87 -15.21 19.20
N SER C 286 14.02 -14.54 19.38
CA SER C 286 14.28 -13.62 20.48
C SER C 286 13.09 -12.78 20.94
N LEU C 287 12.29 -12.29 20.00
CA LEU C 287 11.12 -11.49 20.36
C LEU C 287 10.16 -12.24 21.28
N LEU C 288 10.00 -13.54 21.04
CA LEU C 288 9.06 -14.35 21.79
C LEU C 288 9.60 -14.85 23.13
N CYS C 289 10.89 -15.18 23.17
CA CYS C 289 11.49 -15.84 24.34
C CYS C 289 12.32 -14.91 25.24
N ASP C 290 13.34 -14.28 24.67
CA ASP C 290 14.16 -13.30 25.38
C ASP C 290 13.33 -12.14 25.95
N PRO C 291 13.15 -12.10 27.29
CA PRO C 291 12.31 -11.05 27.88
C PRO C 291 12.95 -9.66 27.91
N GLN C 292 14.27 -9.58 27.78
CA GLN C 292 14.94 -8.29 27.68
C GLN C 292 14.55 -7.56 26.39
N GLU C 293 14.17 -8.32 25.37
CA GLU C 293 13.77 -7.76 24.09
C GLU C 293 12.54 -6.85 24.27
N GLY C 294 11.72 -7.19 25.26
CA GLY C 294 10.56 -6.39 25.64
C GLY C 294 9.30 -6.67 24.84
N TYR C 295 9.37 -7.61 23.91
CA TYR C 295 8.22 -7.91 23.06
C TYR C 295 7.24 -8.91 23.70
N LEU C 296 7.78 -10.00 24.23
CA LEU C 296 6.95 -11.08 24.78
C LEU C 296 6.06 -10.60 25.93
N GLN C 297 6.40 -9.48 26.54
CA GLN C 297 5.59 -8.93 27.62
C GLN C 297 4.22 -8.54 27.08
N MET C 298 4.18 -8.22 25.78
CA MET C 298 2.95 -7.79 25.12
C MET C 298 2.09 -8.97 24.63
N LEU C 299 2.60 -10.19 24.71
CA LEU C 299 1.88 -11.35 24.21
C LEU C 299 0.82 -11.85 25.19
N GLN C 300 -0.28 -12.35 24.62
CA GLN C 300 -1.29 -13.05 25.41
C GLN C 300 -1.02 -14.55 25.43
N ILE C 301 -1.65 -15.24 26.38
CA ILE C 301 -1.49 -16.68 26.54
C ILE C 301 -1.79 -17.45 25.25
N SER C 302 -2.82 -17.04 24.53
CA SER C 302 -3.21 -17.73 23.30
C SER C 302 -2.08 -17.67 22.26
N ASN C 303 -1.29 -16.60 22.27
CA ASN C 303 -0.14 -16.50 21.38
C ASN C 303 0.88 -17.60 21.67
N LEU C 304 1.03 -17.95 22.94
CA LEU C 304 1.95 -19.01 23.32
C LEU C 304 1.52 -20.35 22.75
N TYR C 305 0.23 -20.66 22.91
CA TYR C 305 -0.31 -21.92 22.44
C TYR C 305 -0.32 -21.96 20.92
N LEU C 306 -0.43 -20.80 20.29
CA LEU C 306 -0.38 -20.72 18.83
C LEU C 306 0.99 -21.14 18.35
N TYR C 307 2.03 -20.65 19.00
CA TYR C 307 3.39 -21.00 18.64
C TYR C 307 3.58 -22.50 18.75
N ASP C 308 3.20 -23.06 19.90
CA ASP C 308 3.38 -24.47 20.17
C ASP C 308 2.55 -25.36 19.24
N SER C 309 1.41 -24.86 18.77
CA SER C 309 0.58 -25.60 17.83
C SER C 309 1.35 -25.85 16.55
N VAL C 310 2.10 -24.84 16.11
CA VAL C 310 2.89 -24.95 14.89
C VAL C 310 4.04 -25.96 15.10
N LEU C 311 4.63 -25.96 16.29
CA LEU C 311 5.66 -26.96 16.60
C LEU C 311 5.06 -28.36 16.52
N MET C 312 3.85 -28.51 17.03
CA MET C 312 3.16 -29.79 17.03
C MET C 312 2.98 -30.30 15.59
N LEU C 313 2.64 -29.38 14.69
CA LEU C 313 2.45 -29.76 13.29
C LEU C 313 3.75 -30.13 12.63
N ALA C 314 4.78 -29.33 12.89
CA ALA C 314 6.10 -29.59 12.34
C ALA C 314 6.59 -30.97 12.78
N ASN C 315 6.39 -31.29 14.06
CA ASN C 315 6.76 -32.60 14.57
C ASN C 315 6.00 -33.72 13.86
N ALA C 316 4.72 -33.47 13.58
CA ALA C 316 3.88 -34.46 12.91
C ALA C 316 4.30 -34.65 11.45
N PHE C 317 4.60 -33.54 10.78
CA PHE C 317 5.04 -33.62 9.38
C PHE C 317 6.38 -34.35 9.30
N HIS C 318 7.22 -34.16 10.31
CA HIS C 318 8.50 -34.83 10.38
C HIS C 318 8.31 -36.35 10.39
N ARG C 319 7.54 -36.85 11.36
CA ARG C 319 7.33 -38.28 11.52
C ARG C 319 6.57 -38.90 10.34
N LYS C 320 5.59 -38.18 9.83
CA LYS C 320 4.75 -38.65 8.73
C LYS C 320 5.49 -38.79 7.40
N LEU C 321 6.20 -37.73 7.06
CA LEU C 321 6.77 -37.54 5.74
C LEU C 321 8.16 -38.16 5.52
N GLU C 322 8.94 -38.26 6.58
CA GLU C 322 10.32 -38.72 6.47
C GLU C 322 10.44 -40.10 5.81
N ASP C 323 11.33 -40.16 4.81
CA ASP C 323 11.65 -41.40 4.09
C ASP C 323 10.47 -41.94 3.26
N ARG C 324 9.33 -41.27 3.31
CA ARG C 324 8.15 -41.68 2.56
C ARG C 324 7.74 -40.63 1.52
N LYS C 325 7.30 -41.08 0.35
CA LYS C 325 6.80 -40.17 -0.68
C LYS C 325 5.30 -39.93 -0.58
N TRP C 326 4.87 -38.77 -1.09
CA TRP C 326 3.48 -38.37 -1.03
C TRP C 326 3.13 -37.40 -2.17
N HIS C 327 1.85 -37.37 -2.51
CA HIS C 327 1.31 -36.49 -3.54
C HIS C 327 0.39 -35.46 -2.90
N SER C 328 0.56 -34.20 -3.29
CA SER C 328 -0.15 -33.09 -2.67
C SER C 328 -1.66 -33.17 -2.84
N MET C 329 -2.37 -32.46 -1.97
CA MET C 329 -3.82 -32.48 -1.94
C MET C 329 -4.38 -31.72 -3.12
N ALA C 330 -5.60 -32.06 -3.49
CA ALA C 330 -6.26 -31.49 -4.65
C ALA C 330 -7.16 -30.34 -4.19
N SER C 331 -7.57 -29.52 -5.14
CA SER C 331 -8.40 -28.38 -4.83
C SER C 331 -9.86 -28.78 -4.61
N LEU C 332 -10.27 -28.71 -3.35
CA LEU C 332 -11.62 -29.06 -2.96
C LEU C 332 -12.26 -27.79 -2.40
N ASN C 333 -13.37 -27.39 -3.00
CA ASN C 333 -14.13 -26.23 -2.50
C ASN C 333 -15.33 -26.79 -1.76
N CYS C 334 -15.40 -26.52 -0.46
CA CYS C 334 -16.28 -27.29 0.40
C CYS C 334 -17.73 -26.79 0.44
N ILE C 335 -18.00 -25.54 0.05
CA ILE C 335 -19.40 -25.10 0.06
C ILE C 335 -20.17 -25.91 -0.98
N ARG C 336 -19.51 -26.26 -2.08
CA ARG C 336 -20.17 -27.03 -3.12
C ARG C 336 -20.50 -28.41 -2.54
N LYS C 337 -21.79 -28.76 -2.51
CA LYS C 337 -22.26 -29.98 -1.86
C LYS C 337 -21.57 -31.27 -2.33
N SER C 338 -21.05 -31.26 -3.55
CA SER C 338 -20.48 -32.46 -4.15
C SER C 338 -19.03 -32.75 -3.75
N THR C 339 -18.46 -31.91 -2.89
CA THR C 339 -17.07 -32.07 -2.48
C THR C 339 -16.86 -33.24 -1.54
N LYS C 340 -15.85 -34.05 -1.83
CA LYS C 340 -15.47 -35.18 -0.98
C LYS C 340 -14.51 -34.76 0.12
N PRO C 341 -14.57 -35.42 1.28
CA PRO C 341 -13.59 -35.15 2.35
C PRO C 341 -12.17 -35.58 1.97
N TRP C 342 -11.18 -35.03 2.67
CA TRP C 342 -9.78 -35.36 2.40
C TRP C 342 -9.44 -36.77 2.86
N ASN C 343 -9.07 -37.63 1.92
CA ASN C 343 -8.79 -39.02 2.25
C ASN C 343 -7.58 -39.20 3.19
N GLY C 344 -6.59 -38.32 3.08
CA GLY C 344 -5.40 -38.40 3.91
C GLY C 344 -5.56 -37.78 5.28
N GLY C 345 -6.75 -37.24 5.54
CA GLY C 345 -7.00 -36.49 6.75
C GLY C 345 -6.90 -37.29 8.04
N ARG C 346 -7.52 -38.47 8.03
CA ARG C 346 -7.55 -39.32 9.21
C ARG C 346 -6.13 -39.72 9.66
N SER C 347 -5.31 -40.14 8.71
CA SER C 347 -3.95 -40.53 9.02
C SER C 347 -3.15 -39.34 9.53
N MET C 348 -3.37 -38.18 8.93
CA MET C 348 -2.67 -36.96 9.34
C MET C 348 -3.07 -36.58 10.75
N LEU C 349 -4.36 -36.69 11.04
CA LEU C 349 -4.88 -36.41 12.39
C LEU C 349 -4.25 -37.38 13.40
N ASP C 350 -4.27 -38.66 13.07
CA ASP C 350 -3.71 -39.68 13.96
C ASP C 350 -2.26 -39.40 14.27
N THR C 351 -1.51 -38.97 13.26
CA THR C 351 -0.09 -38.65 13.46
C THR C 351 0.10 -37.46 14.41
N ILE C 352 -0.75 -36.44 14.28
CA ILE C 352 -0.63 -35.26 15.12
C ILE C 352 -0.98 -35.59 16.56
N LYS C 353 -2.01 -36.41 16.75
CA LYS C 353 -2.47 -36.73 18.09
C LYS C 353 -1.46 -37.52 18.93
N LYS C 354 -0.74 -38.44 18.30
CA LYS C 354 0.26 -39.24 19.03
C LYS C 354 1.56 -38.47 19.21
N GLY C 355 1.62 -37.26 18.66
CA GLY C 355 2.82 -36.44 18.74
C GLY C 355 2.94 -35.80 20.11
N HIS C 356 4.14 -35.34 20.43
CA HIS C 356 4.39 -34.65 21.69
C HIS C 356 5.58 -33.71 21.50
N ILE C 357 5.45 -32.50 22.03
CA ILE C 357 6.52 -31.51 21.93
C ILE C 357 6.59 -30.69 23.21
N THR C 358 7.71 -29.99 23.38
CA THR C 358 7.89 -29.04 24.46
C THR C 358 8.12 -27.65 23.88
N GLY C 359 7.26 -26.71 24.23
CA GLY C 359 7.31 -25.36 23.67
C GLY C 359 7.23 -24.27 24.73
N LEU C 360 6.70 -23.12 24.34
CA LEU C 360 6.61 -21.97 25.23
C LEU C 360 5.68 -22.22 26.41
N THR C 361 4.70 -23.11 26.23
CA THR C 361 3.75 -23.41 27.30
C THR C 361 4.17 -24.65 28.08
N GLY C 362 5.31 -25.22 27.71
CA GLY C 362 5.76 -26.46 28.30
C GLY C 362 5.40 -27.62 27.39
N VAL C 363 5.05 -28.75 27.99
CA VAL C 363 4.69 -29.93 27.23
C VAL C 363 3.31 -29.78 26.59
N MET C 364 3.23 -30.10 25.30
CA MET C 364 1.96 -30.19 24.59
C MET C 364 1.78 -31.59 24.04
N GLU C 365 0.62 -32.18 24.30
CA GLU C 365 0.27 -33.48 23.77
C GLU C 365 -1.25 -33.59 23.74
N PHE C 366 -1.76 -34.67 23.17
CA PHE C 366 -3.20 -34.88 23.10
C PHE C 366 -3.58 -36.28 23.56
N ARG C 367 -4.46 -36.34 24.55
CA ARG C 367 -5.00 -37.61 25.02
C ARG C 367 -6.02 -38.16 24.04
N GLU C 368 -6.64 -39.28 24.40
CA GLU C 368 -7.64 -39.90 23.55
C GLU C 368 -8.87 -39.01 23.40
N ASP C 369 -9.19 -38.25 24.45
CA ASP C 369 -10.31 -37.31 24.39
C ASP C 369 -9.93 -36.02 23.66
N SER C 370 -8.73 -36.01 23.08
CA SER C 370 -8.27 -34.91 22.23
C SER C 370 -8.00 -33.64 23.03
N SER C 371 -7.69 -33.79 24.32
CA SER C 371 -7.42 -32.65 25.18
C SER C 371 -5.93 -32.54 25.46
N ASN C 372 -5.44 -31.31 25.56
CA ASN C 372 -4.10 -31.05 26.05
C ASN C 372 -4.17 -30.90 27.57
N PRO C 373 -3.73 -31.91 28.32
CA PRO C 373 -4.13 -31.99 29.73
C PRO C 373 -3.42 -31.03 30.70
N TYR C 374 -2.15 -30.69 30.48
CA TYR C 374 -1.40 -29.97 31.49
C TYR C 374 -1.73 -28.49 31.61
N VAL C 375 -1.92 -28.05 32.85
CA VAL C 375 -2.11 -26.63 33.17
C VAL C 375 -1.63 -26.37 34.59
N GLN C 376 -1.06 -25.20 34.82
CA GLN C 376 -0.58 -24.83 36.15
C GLN C 376 -0.97 -23.40 36.52
N PHE C 377 -1.44 -23.22 37.74
CA PHE C 377 -1.84 -21.92 38.27
C PHE C 377 -0.99 -21.55 39.48
N GLU C 378 -0.89 -20.26 39.76
CA GLU C 378 -0.33 -19.76 41.02
C GLU C 378 -1.41 -19.01 41.79
N ILE C 379 -1.30 -19.04 43.11
CA ILE C 379 -2.27 -18.37 43.99
C ILE C 379 -1.54 -17.33 44.84
N LEU C 380 -1.93 -16.07 44.68
CA LEU C 380 -1.28 -14.96 45.37
C LEU C 380 -2.18 -14.39 46.44
N GLY C 381 -1.59 -13.93 47.55
CA GLY C 381 -2.33 -13.39 48.68
C GLY C 381 -1.77 -12.06 49.17
N THR C 382 -2.64 -11.23 49.73
CA THR C 382 -2.27 -9.92 50.22
C THR C 382 -1.25 -10.00 51.36
N THR C 383 -0.40 -8.99 51.47
CA THR C 383 0.59 -8.91 52.54
C THR C 383 0.72 -7.48 53.04
N LYS C 390 1.15 -3.92 52.47
CA LYS C 390 0.77 -3.29 51.22
C LYS C 390 1.52 -3.93 50.05
N ASP C 391 1.12 -5.15 49.68
CA ASP C 391 1.73 -5.88 48.56
C ASP C 391 1.12 -7.27 48.39
N MET C 392 1.24 -7.80 47.17
CA MET C 392 0.81 -9.16 46.84
C MET C 392 2.03 -10.10 46.78
N ARG C 393 1.88 -11.33 47.29
CA ARG C 393 2.94 -12.33 47.16
C ARG C 393 2.39 -13.75 46.99
N LYS C 394 3.18 -14.58 46.32
CA LYS C 394 2.84 -15.97 46.01
C LYS C 394 2.73 -16.87 47.24
N LEU C 395 1.58 -17.52 47.39
CA LEU C 395 1.33 -18.41 48.52
C LEU C 395 1.43 -19.89 48.15
N ALA C 396 0.98 -20.24 46.95
CA ALA C 396 0.95 -21.64 46.53
C ALA C 396 0.75 -21.80 45.03
N THR C 397 0.86 -23.03 44.55
CA THR C 397 0.57 -23.37 43.16
C THR C 397 -0.42 -24.52 43.09
N TRP C 398 -1.04 -24.68 41.94
CA TRP C 398 -1.96 -25.79 41.67
C TRP C 398 -1.63 -26.38 40.31
N ASP C 399 -1.57 -27.69 40.25
CA ASP C 399 -1.21 -28.40 39.02
C ASP C 399 -2.23 -29.48 38.70
N SER C 400 -2.30 -29.85 37.42
CA SER C 400 -3.30 -30.81 36.97
C SER C 400 -2.84 -32.25 37.20
N GLU C 401 -1.60 -32.40 37.66
CA GLU C 401 -1.05 -33.72 37.96
C GLU C 401 -1.05 -34.00 39.46
N LYS C 402 -0.46 -33.09 40.23
CA LYS C 402 -0.26 -33.29 41.66
C LYS C 402 -1.14 -32.40 42.53
N GLY C 403 -1.83 -31.46 41.90
CA GLY C 403 -2.73 -30.58 42.62
C GLY C 403 -2.05 -29.46 43.39
N LEU C 404 -2.60 -29.15 44.57
CA LEU C 404 -2.12 -28.03 45.37
C LEU C 404 -0.77 -28.33 46.01
N ASN C 405 0.12 -27.34 45.96
CA ASN C 405 1.42 -27.41 46.63
C ASN C 405 1.71 -26.11 47.37
N GLY C 406 1.73 -26.17 48.70
CA GLY C 406 1.93 -25.00 49.53
C GLY C 406 0.68 -24.61 50.30
N SER C 407 -0.07 -25.61 50.74
CA SER C 407 -1.33 -25.39 51.45
C SER C 407 -1.15 -24.47 52.65
C1 EDO D . 1.92 12.35 -5.16
O1 EDO D . 2.00 13.70 -4.67
C2 EDO D . 2.74 11.42 -4.27
O2 EDO D . 4.07 11.95 -4.10
C1 EDO E . 14.00 7.63 15.68
O1 EDO E . 14.70 8.42 16.65
C2 EDO E . 13.80 6.21 16.19
O2 EDO E . 13.19 6.23 17.49
C1 EDO F . 5.36 21.12 17.63
O1 EDO F . 6.41 22.08 17.79
C2 EDO F . 5.03 20.49 18.97
O2 EDO F . 4.51 21.50 19.85
C1 EDO G . 8.61 9.48 -15.86
O1 EDO G . 7.21 9.25 -15.97
C2 EDO G . 8.94 10.88 -16.36
O2 EDO G . 10.17 11.32 -15.78
C1 EDO H . 8.99 15.06 -1.79
O1 EDO H . 8.77 14.84 -3.19
C2 EDO H . 10.48 15.13 -1.51
O2 EDO H . 11.03 16.26 -2.20
C1 EDO I . 11.41 12.53 -13.10
O1 EDO I . 11.31 13.41 -11.97
C2 EDO I . 12.84 12.00 -13.20
O2 EDO I . 13.06 11.02 -12.19
C1 EDO J . 23.95 8.31 14.41
O1 EDO J . 23.50 7.22 15.22
C2 EDO J . 22.81 9.30 14.25
O2 EDO J . 23.31 10.54 13.73
C1 EDO K . 31.91 11.19 -7.01
O1 EDO K . 32.36 11.83 -5.81
C2 EDO K . 31.83 9.68 -6.80
O2 EDO K . 32.60 9.32 -5.65
C1 EDO L . -21.83 20.19 -5.58
O1 EDO L . -22.35 18.90 -5.24
C2 EDO L . -22.53 21.28 -4.77
O2 EDO L . -21.54 22.06 -4.08
C1 EDO M . 3.36 22.39 -18.76
O1 EDO M . 2.46 22.18 -19.85
C2 EDO M . 2.68 23.19 -17.67
O2 EDO M . 1.40 23.67 -18.12
C1 EDO N . -1.47 29.12 8.48
O1 EDO N . -2.24 28.62 9.58
C2 EDO N . -1.52 30.64 8.46
O2 EDO N . -1.89 31.11 7.16
C1 EDO O . -5.44 40.90 -1.06
O1 EDO O . -6.87 40.92 -1.14
C2 EDO O . -4.85 40.93 -2.47
O2 EDO O . -3.45 41.25 -2.41
C1 EDO P . -11.14 39.79 0.20
O1 EDO P . -10.73 40.61 -0.90
C2 EDO P . -9.93 39.37 1.02
O2 EDO P . -9.86 40.15 2.23
C1 EDO Q . 16.62 30.63 13.10
O1 EDO Q . 15.53 30.86 12.19
C2 EDO Q . 16.07 30.22 14.46
O2 EDO Q . 14.76 29.67 14.30
CL CL R . 11.64 -1.99 5.47
CL CL S . 2.57 3.30 5.02
CL CL T . 24.44 4.62 9.27
CL CL U . -2.69 25.17 7.75
CL CL V . 17.88 29.05 -2.52
C1 BU1 W . -1.54 9.22 14.89
C2 BU1 W . -1.21 10.43 14.00
C3 BU1 W . -0.05 11.25 14.54
C4 BU1 W . 0.98 11.45 13.42
O5 BU1 W . -1.09 8.04 14.21
O6 BU1 W . 2.20 11.89 14.01
C1 NAG X . -2.31 -5.88 8.76
C2 NAG X . -3.78 -5.49 8.76
C3 NAG X . -4.36 -5.67 10.15
C4 NAG X . -4.11 -7.09 10.65
C5 NAG X . -2.64 -7.46 10.51
C6 NAG X . -2.36 -8.91 10.84
C7 NAG X . -3.38 -3.06 8.84
C8 NAG X . -3.69 -1.74 8.20
N2 NAG X . -3.97 -4.13 8.28
O3 NAG X . -5.76 -5.40 10.12
O4 NAG X . -4.50 -7.20 12.01
O5 NAG X . -2.17 -7.23 9.17
O6 NAG X . -2.72 -9.76 9.77
O7 NAG X . -2.65 -3.15 9.82
C1 NAG Y . 16.78 34.92 9.95
C2 NAG Y . 15.90 36.11 9.50
C3 NAG Y . 15.70 37.11 10.64
C4 NAG Y . 15.24 36.41 11.91
C5 NAG Y . 16.23 35.31 12.25
C6 NAG Y . 15.87 34.55 13.50
C7 NAG Y . 16.78 36.18 7.20
C8 NAG Y . 17.42 37.04 6.15
N2 NAG Y . 16.51 36.78 8.36
O3 NAG Y . 14.73 38.07 10.24
O4 NAG Y . 15.16 37.35 12.98
O5 NAG Y . 16.27 34.38 11.17
O6 NAG Y . 17.01 33.90 14.04
O7 NAG Y . 16.54 35.00 7.01
O1 PG4 Z . 21.80 1.71 -2.18
C1 PG4 Z . 21.22 0.56 -2.83
C2 PG4 Z . 19.89 0.15 -2.20
O2 PG4 Z . 18.90 0.22 -3.23
C3 PG4 Z . 18.29 1.51 -3.28
C4 PG4 Z . 19.07 2.38 -4.28
O3 PG4 Z . 18.57 3.70 -4.40
C5 PG4 Z . 19.62 4.57 -4.83
C6 PG4 Z . 19.26 6.00 -4.53
O4 PG4 Z . 20.46 6.75 -4.37
C7 PG4 Z . 21.02 7.29 -5.57
C8 PG4 Z . 21.95 8.44 -5.23
O5 PG4 Z . 23.20 7.92 -4.72
C1 EDO AA . 12.46 -1.07 -16.55
O1 EDO AA . 11.28 -0.57 -15.89
C2 EDO AA . 13.30 -1.87 -15.58
O2 EDO AA . 12.46 -2.81 -14.89
C1 EDO BA . 7.33 4.91 -19.36
O1 EDO BA . 7.26 3.57 -19.89
C2 EDO BA . 8.79 5.31 -19.15
O2 EDO BA . 9.50 4.27 -18.46
C1 EDO CA . 4.38 6.42 -22.35
O1 EDO CA . 3.69 6.67 -21.12
C2 EDO CA . 4.39 4.92 -22.67
O2 EDO CA . 5.16 4.21 -21.70
C1 EDO DA . 3.77 3.03 -11.97
O1 EDO DA . 3.21 3.37 -10.69
C2 EDO DA . 4.81 1.93 -11.80
O2 EDO DA . 4.37 0.75 -12.48
C1 EDO EA . 3.22 5.06 -7.42
O1 EDO EA . 4.42 4.43 -6.93
C2 EDO EA . 3.15 6.50 -6.94
O2 EDO EA . 2.95 7.38 -8.05
C1 EDO FA . 31.85 -0.45 -22.10
O1 EDO FA . 32.07 -1.20 -20.91
C2 EDO FA . 32.35 0.98 -21.94
O2 EDO FA . 31.99 1.75 -23.09
C1 EDO GA . -21.74 7.61 -17.86
O1 EDO GA . -22.66 8.68 -18.08
C2 EDO GA . -21.74 7.22 -16.40
O2 EDO GA . -21.83 5.79 -16.27
C1 EDO HA . -12.35 3.20 -39.92
O1 EDO HA . -11.83 4.53 -39.73
C2 EDO HA . -11.81 2.61 -41.21
O2 EDO HA . -10.43 2.23 -41.01
C1 EDO IA . 4.52 2.81 -32.42
O1 EDO IA . 4.00 1.63 -33.01
C2 EDO IA . 5.50 3.48 -33.38
O2 EDO IA . 5.16 4.87 -33.54
CL CL JA . -1.32 9.86 -15.39
CL CL KA . 8.56 -2.87 -9.51
CL CL LA . -0.25 17.40 -27.17
CL CL MA . 26.03 12.32 -15.24
C1 NAG NA . 22.15 21.14 -26.14
C2 NAG NA . 21.23 22.23 -26.69
C3 NAG NA . 22.04 23.29 -27.44
C4 NAG NA . 23.16 23.83 -26.56
C5 NAG NA . 24.02 22.67 -26.07
C6 NAG NA . 25.11 23.11 -25.11
C7 NAG NA . 18.91 21.83 -27.39
C8 NAG NA . 18.02 21.17 -28.41
N2 NAG NA . 20.23 21.66 -27.57
O3 NAG NA . 21.18 24.36 -27.83
O4 NAG NA . 23.96 24.74 -27.32
O5 NAG NA . 23.20 21.74 -25.35
O6 NAG NA . 25.53 24.43 -25.38
O7 NAG NA . 18.45 22.48 -26.47
C1 EDO OA . -16.54 -16.79 27.93
O1 EDO OA . -16.28 -17.43 29.18
C2 EDO OA . -16.01 -17.65 26.79
O2 EDO OA . -14.60 -17.86 26.95
C1 EDO PA . 3.45 -40.44 2.86
O1 EDO PA . 2.91 -41.72 2.53
C2 EDO PA . 3.68 -40.32 4.37
O2 EDO PA . 2.51 -40.76 5.07
C1 EDO QA . -12.90 -27.39 23.81
O1 EDO QA . -14.26 -27.82 23.97
C2 EDO QA . -12.84 -26.26 22.78
O2 EDO QA . -12.68 -25.00 23.46
C1 EDO RA . -16.68 -26.25 30.73
O1 EDO RA . -17.45 -25.66 29.68
C2 EDO RA . -15.21 -25.88 30.60
O2 EDO RA . -15.05 -24.44 30.58
C1 EDO SA . -14.65 -21.61 33.48
O1 EDO SA . -14.68 -23.01 33.80
C2 EDO SA . -14.01 -20.80 34.62
O2 EDO SA . -14.19 -21.49 35.87
C1 EDO TA . -19.74 -32.05 13.05
O1 EDO TA . -19.03 -32.68 14.12
C2 EDO TA . -20.51 -30.87 13.62
O2 EDO TA . -21.25 -30.24 12.58
CL CL UA . 4.46 -18.94 2.95
CL CL VA . -14.90 -13.54 19.11
CL CL WA . -25.73 -25.97 26.59
CL CL XA . -10.68 -30.85 21.98
CL CL YA . -20.08 -25.42 27.21
C1 BU1 ZA . -11.77 -8.65 7.72
C2 BU1 ZA . -10.95 -7.86 8.74
C3 BU1 ZA . -11.80 -6.77 9.39
C4 BU1 ZA . -11.75 -6.81 10.93
O5 BU1 ZA . -10.86 -9.10 6.70
O6 BU1 ZA . -12.87 -6.14 11.50
#